data_8GP0
#
_entry.id   8GP0
#
_cell.length_a   51.373
_cell.length_b   139.194
_cell.length_c   57.913
_cell.angle_alpha   90.000
_cell.angle_beta   101.290
_cell.angle_gamma   90.000
#
_symmetry.space_group_name_H-M   'P 1 21 1'
#
loop_
_entity.id
_entity.type
_entity.pdbx_description
1 polymer 'Alpha/beta fold hydrolase'
2 non-polymer GLYCEROL
3 non-polymer 'CITRIC ACID'
4 water water
#
_entity_poly.entity_id   1
_entity_poly.type   'polypeptide(L)'
_entity_poly.pdbx_seq_one_letter_code
;METDNVELAQSKRKVVLAEQGSFYIGGRTVTGPGKFDPSKPVIPYSNEGATFYINQMYVNFQAPVRPRGLPLVFWHGGGL
TGHIWESTPDGRPGFQTLFVQDRHTVYTIDQPGRGRGNIPTFNGPFGQLEEESIVNTVTGNSSKEGAWVRDRLGPAPGQF
FENSQFPRGYEDNYFKEMGFSPSISSDEIVDAVVKLVTHIGPCVLVTHSASGVLGMRVATHAKNVRGIVAYEPATSIFPK
GKVPEIPPLADKKSQIFPPFEIQESYFKKLAKIPIQFVFGDNIPKNPKSAYWFLDWWRVTRYAHSLSLEAINKLGGQASL
LDLPTAGLRGNTHFPFTDRNNVQVASLLSDFLGKHGLDQNESLEHHHHHH
;
_entity_poly.pdbx_strand_id   A,B
#
loop_
_chem_comp.id
_chem_comp.type
_chem_comp.name
_chem_comp.formula
CIT non-polymer 'CITRIC ACID' 'C6 H8 O7'
GOL non-polymer GLYCEROL 'C3 H8 O3'
#
# COMPACT_ATOMS: atom_id res chain seq x y z
N LYS A 12 11.94 -8.95 21.09
CA LYS A 12 10.95 -8.14 21.72
C LYS A 12 10.13 -7.51 20.64
N ARG A 13 8.87 -7.38 20.93
CA ARG A 13 7.98 -6.78 19.99
C ARG A 13 7.69 -5.34 20.35
N LYS A 14 7.99 -4.90 21.57
CA LYS A 14 7.63 -3.56 21.99
C LYS A 14 8.45 -2.49 21.27
N VAL A 15 7.79 -1.41 20.87
CA VAL A 15 8.46 -0.24 20.29
C VAL A 15 7.84 1.02 20.88
N VAL A 16 8.68 2.00 21.17
CA VAL A 16 8.27 3.30 21.67
C VAL A 16 8.59 4.33 20.61
N LEU A 17 7.56 4.97 20.07
CA LEU A 17 7.72 5.92 18.96
C LEU A 17 7.50 7.34 19.46
N ALA A 18 8.51 8.19 19.24
CA ALA A 18 8.31 9.62 19.47
C ALA A 18 7.25 10.17 18.52
N GLU A 19 7.17 9.62 17.31
CA GLU A 19 6.18 10.02 16.33
C GLU A 19 6.16 8.97 15.23
N GLN A 20 5.04 8.92 14.52
CA GLN A 20 4.92 8.08 13.34
C GLN A 20 3.94 8.74 12.39
N GLY A 21 4.00 8.33 11.13
CA GLY A 21 3.03 8.83 10.19
C GLY A 21 3.41 8.46 8.78
N SER A 22 2.72 9.08 7.84
CA SER A 22 2.99 8.81 6.45
C SER A 22 2.58 10.00 5.60
N PHE A 23 3.14 10.05 4.39
CA PHE A 23 2.88 11.18 3.50
C PHE A 23 3.18 10.75 2.07
N TYR A 24 2.71 11.57 1.14
CA TYR A 24 2.99 11.43 -0.27
C TYR A 24 4.01 12.47 -0.71
N ILE A 25 4.90 12.07 -1.61
CA ILE A 25 5.93 12.97 -2.14
C ILE A 25 6.22 12.59 -3.58
N GLY A 26 6.65 13.59 -4.36
CA GLY A 26 6.99 13.35 -5.74
C GLY A 26 5.77 13.22 -6.63
N GLY A 27 6.04 12.91 -7.90
CA GLY A 27 5.00 12.80 -8.89
C GLY A 27 4.83 14.06 -9.70
N ARG A 28 3.90 13.98 -10.64
CA ARG A 28 3.56 15.09 -11.52
C ARG A 28 2.04 15.04 -11.76
N THR A 29 1.55 15.88 -12.67
CA THR A 29 0.15 15.84 -13.07
C THR A 29 0.07 15.70 -14.57
N VAL A 30 -1.02 15.07 -15.03
CA VAL A 30 -1.42 15.07 -16.42
C VAL A 30 -2.88 15.51 -16.48
N THR A 31 -3.28 16.00 -17.65
CA THR A 31 -4.59 16.61 -17.78
C THR A 31 -5.34 16.03 -18.97
N GLY A 32 -6.66 15.88 -18.78
CA GLY A 32 -7.53 15.48 -19.85
C GLY A 32 -7.98 16.68 -20.66
N PRO A 33 -8.77 16.41 -21.70
CA PRO A 33 -9.28 17.50 -22.54
C PRO A 33 -10.48 18.17 -21.90
N GLY A 34 -10.73 19.41 -22.34
CA GLY A 34 -11.93 20.11 -21.96
C GLY A 34 -11.89 20.68 -20.56
N LYS A 35 -13.08 21.02 -20.07
CA LYS A 35 -13.22 21.65 -18.77
C LYS A 35 -14.26 20.91 -17.92
N PHE A 36 -14.19 21.14 -16.63
CA PHE A 36 -15.01 20.43 -15.65
C PHE A 36 -16.21 21.30 -15.28
N ASP A 37 -17.41 20.73 -15.40
CA ASP A 37 -18.66 21.40 -15.06
C ASP A 37 -19.27 20.72 -13.84
N PRO A 38 -19.29 21.36 -12.68
CA PRO A 38 -19.82 20.69 -11.47
C PRO A 38 -21.32 20.42 -11.51
N SER A 39 -22.05 20.97 -12.49
CA SER A 39 -23.47 20.67 -12.57
C SER A 39 -23.74 19.37 -13.30
N LYS A 40 -22.77 18.84 -14.02
CA LYS A 40 -22.99 17.62 -14.78
C LYS A 40 -22.67 16.41 -13.92
N PRO A 41 -23.24 15.25 -14.25
CA PRO A 41 -23.00 14.06 -13.43
C PRO A 41 -21.51 13.76 -13.35
N VAL A 42 -21.01 13.62 -12.11
CA VAL A 42 -19.60 13.36 -11.91
C VAL A 42 -19.26 11.89 -12.02
N ILE A 43 -20.22 11.01 -11.82
CA ILE A 43 -20.04 9.57 -11.92
C ILE A 43 -21.03 9.07 -12.96
N PRO A 44 -20.62 8.23 -13.93
CA PRO A 44 -19.28 7.65 -14.10
C PRO A 44 -18.21 8.70 -14.34
N TYR A 45 -17.02 8.44 -13.82
CA TYR A 45 -15.95 9.41 -13.88
C TYR A 45 -15.50 9.64 -15.31
N SER A 46 -15.06 10.86 -15.59
CA SER A 46 -14.67 11.28 -16.93
C SER A 46 -13.29 11.91 -16.90
N ASN A 47 -12.58 11.80 -18.02
CA ASN A 47 -11.34 12.53 -18.21
C ASN A 47 -11.57 13.99 -18.58
N GLU A 48 -12.82 14.39 -18.84
CA GLU A 48 -13.06 15.75 -19.28
C GLU A 48 -12.81 16.74 -18.15
N GLY A 49 -11.97 17.74 -18.42
CA GLY A 49 -11.59 18.72 -17.43
C GLY A 49 -10.74 18.19 -16.31
N ALA A 50 -10.11 17.03 -16.51
CA ALA A 50 -9.47 16.29 -15.42
C ALA A 50 -8.01 16.69 -15.22
N THR A 51 -7.63 16.84 -13.96
CA THR A 51 -6.24 16.81 -13.54
C THR A 51 -6.03 15.51 -12.77
N PHE A 52 -5.00 14.75 -13.14
CA PHE A 52 -4.65 13.51 -12.44
C PHE A 52 -3.25 13.65 -11.87
N TYR A 53 -3.10 13.35 -10.58
CA TYR A 53 -1.78 13.26 -9.97
C TYR A 53 -1.24 11.85 -10.23
N ILE A 54 -0.06 11.76 -10.83
CA ILE A 54 0.50 10.47 -11.21
C ILE A 54 1.94 10.34 -10.72
N ASN A 55 2.31 9.09 -10.44
CA ASN A 55 3.68 8.68 -10.17
C ASN A 55 4.24 9.18 -8.83
N GLN A 56 3.35 9.58 -7.93
CA GLN A 56 3.74 9.93 -6.56
C GLN A 56 4.07 8.67 -5.76
N MET A 57 4.82 8.89 -4.68
CA MET A 57 5.32 7.82 -3.83
C MET A 57 4.75 7.95 -2.42
N TYR A 58 4.45 6.79 -1.80
CA TYR A 58 4.01 6.75 -0.41
C TYR A 58 5.21 6.53 0.52
N VAL A 59 5.24 7.27 1.62
CA VAL A 59 6.36 7.19 2.58
C VAL A 59 5.80 7.06 3.99
N ASN A 60 6.26 6.05 4.72
N ASN A 60 6.32 6.10 4.75
CA ASN A 60 5.95 5.89 6.13
CA ASN A 60 5.93 5.84 6.13
C ASN A 60 7.20 6.19 6.94
C ASN A 60 7.16 6.02 7.02
N PHE A 61 7.01 6.77 8.11
CA PHE A 61 8.12 6.97 9.04
C PHE A 61 7.74 6.60 10.46
N GLN A 62 8.72 6.08 11.19
CA GLN A 62 8.60 5.81 12.63
C GLN A 62 9.89 6.29 13.29
N ALA A 63 9.76 7.16 14.28
CA ALA A 63 10.92 7.76 14.92
C ALA A 63 10.98 7.32 16.36
N PRO A 64 12.12 6.83 16.84
CA PRO A 64 12.25 6.44 18.24
C PRO A 64 12.45 7.68 19.11
N VAL A 65 12.34 7.46 20.42
CA VAL A 65 12.78 8.49 21.36
C VAL A 65 14.30 8.50 21.37
N ARG A 66 14.89 9.69 21.34
CA ARG A 66 16.34 9.83 21.34
C ARG A 66 16.97 9.09 20.16
N PRO A 67 16.70 9.48 18.91
CA PRO A 67 17.35 8.80 17.79
C PRO A 67 18.85 8.97 17.84
N ARG A 68 19.57 7.99 17.29
CA ARG A 68 21.03 8.02 17.28
C ARG A 68 21.52 7.63 15.89
N GLY A 69 22.22 8.54 15.23
CA GLY A 69 22.69 8.28 13.89
C GLY A 69 21.69 8.71 12.84
N LEU A 70 21.93 8.22 11.61
CA LEU A 70 21.15 8.71 10.48
C LEU A 70 19.86 7.90 10.30
N PRO A 71 18.81 8.52 9.76
CA PRO A 71 17.62 7.75 9.40
C PRO A 71 17.91 6.76 8.29
N LEU A 72 17.21 5.63 8.35
CA LEU A 72 17.34 4.56 7.37
C LEU A 72 16.12 4.59 6.47
N VAL A 73 16.33 4.50 5.16
CA VAL A 73 15.26 4.44 4.17
C VAL A 73 15.27 3.04 3.58
N PHE A 74 14.27 2.23 3.93
CA PHE A 74 14.15 0.86 3.44
C PHE A 74 13.31 0.86 2.16
N TRP A 75 13.89 0.30 1.08
CA TRP A 75 13.34 0.38 -0.27
C TRP A 75 13.16 -1.04 -0.79
N HIS A 76 11.90 -1.46 -0.89
CA HIS A 76 11.53 -2.82 -1.31
C HIS A 76 12.05 -3.15 -2.71
N GLY A 77 12.18 -4.45 -2.96
CA GLY A 77 12.54 -4.97 -4.26
C GLY A 77 11.36 -4.96 -5.25
N GLY A 78 11.61 -5.55 -6.41
CA GLY A 78 10.65 -5.45 -7.49
C GLY A 78 9.38 -6.20 -7.18
N GLY A 79 8.24 -5.55 -7.46
CA GLY A 79 6.95 -6.15 -7.22
C GLY A 79 6.54 -6.27 -5.77
N LEU A 80 7.18 -5.50 -4.88
CA LEU A 80 6.96 -5.63 -3.44
C LEU A 80 6.50 -4.28 -2.88
N THR A 81 6.37 -4.23 -1.56
CA THR A 81 5.97 -3.00 -0.88
C THR A 81 6.71 -2.94 0.44
N GLY A 82 6.46 -1.87 1.19
CA GLY A 82 7.04 -1.72 2.52
C GLY A 82 6.64 -2.81 3.50
N HIS A 83 5.63 -3.63 3.18
CA HIS A 83 5.29 -4.75 4.05
C HIS A 83 6.50 -5.61 4.39
N ILE A 84 7.43 -5.78 3.44
CA ILE A 84 8.53 -6.71 3.64
C ILE A 84 9.48 -6.25 4.74
N TRP A 85 9.43 -4.97 5.11
CA TRP A 85 10.22 -4.45 6.22
C TRP A 85 9.43 -4.41 7.51
N GLU A 86 8.11 -4.62 7.45
CA GLU A 86 7.26 -4.54 8.64
C GLU A 86 7.24 -5.86 9.40
N SER A 87 7.07 -6.96 8.68
CA SER A 87 6.92 -8.27 9.28
C SER A 87 7.42 -9.32 8.31
N THR A 88 7.81 -10.47 8.84
CA THR A 88 8.09 -11.64 8.01
C THR A 88 6.78 -12.35 7.68
N PRO A 89 6.79 -13.27 6.70
CA PRO A 89 5.53 -13.96 6.35
C PRO A 89 4.90 -14.72 7.50
N ASP A 90 5.69 -15.21 8.43
CA ASP A 90 5.20 -15.91 9.61
C ASP A 90 4.99 -15.00 10.80
N GLY A 91 5.06 -13.69 10.60
CA GLY A 91 4.62 -12.76 11.64
C GLY A 91 5.68 -12.32 12.63
N ARG A 92 6.96 -12.59 12.36
CA ARG A 92 8.00 -12.09 13.23
C ARG A 92 8.35 -10.66 12.85
N PRO A 93 8.92 -9.88 13.76
CA PRO A 93 9.22 -8.49 13.46
C PRO A 93 10.16 -8.32 12.27
N GLY A 94 9.85 -7.35 11.42
CA GLY A 94 10.72 -6.98 10.33
C GLY A 94 11.71 -5.89 10.73
N PHE A 95 12.53 -5.51 9.76
CA PHE A 95 13.60 -4.55 10.01
C PHE A 95 13.10 -3.19 10.50
N GLN A 96 11.86 -2.81 10.18
CA GLN A 96 11.32 -1.56 10.70
C GLN A 96 11.32 -1.55 12.22
N THR A 97 10.71 -2.57 12.83
CA THR A 97 10.73 -2.69 14.28
C THR A 97 12.16 -2.84 14.80
N LEU A 98 12.95 -3.70 14.17
CA LEU A 98 14.28 -3.99 14.69
C LEU A 98 15.14 -2.71 14.73
N PHE A 99 15.02 -1.86 13.71
CA PHE A 99 15.87 -0.68 13.65
C PHE A 99 15.33 0.53 14.39
N VAL A 100 14.02 0.61 14.61
CA VAL A 100 13.53 1.58 15.59
C VAL A 100 14.02 1.21 16.98
N GLN A 101 14.03 -0.09 17.30
CA GLN A 101 14.60 -0.55 18.56
C GLN A 101 16.10 -0.25 18.62
N ASP A 102 16.79 -0.31 17.48
CA ASP A 102 18.20 0.06 17.38
C ASP A 102 18.41 1.57 17.32
N ARG A 103 17.34 2.34 17.57
CA ARG A 103 17.37 3.78 17.81
C ARG A 103 17.63 4.58 16.54
N HIS A 104 17.22 4.06 15.38
CA HIS A 104 17.20 4.83 14.15
C HIS A 104 15.75 5.19 13.81
N THR A 105 15.56 6.40 13.29
CA THR A 105 14.33 6.71 12.59
C THR A 105 14.30 5.89 11.32
N VAL A 106 13.14 5.31 11.02
CA VAL A 106 12.99 4.36 9.92
C VAL A 106 11.93 4.86 8.97
N TYR A 107 12.32 5.08 7.72
CA TYR A 107 11.40 5.36 6.63
C TYR A 107 11.24 4.09 5.82
N THR A 108 10.00 3.76 5.48
CA THR A 108 9.69 2.70 4.53
C THR A 108 8.82 3.28 3.43
N ILE A 109 9.12 2.93 2.18
CA ILE A 109 8.44 3.52 1.04
C ILE A 109 7.68 2.46 0.27
N ASP A 110 6.61 2.90 -0.42
CA ASP A 110 6.02 2.16 -1.53
C ASP A 110 6.30 3.02 -2.76
N GLN A 111 7.22 2.57 -3.61
CA GLN A 111 7.66 3.42 -4.71
C GLN A 111 6.51 3.67 -5.68
N PRO A 112 6.63 4.67 -6.56
CA PRO A 112 5.59 4.87 -7.58
C PRO A 112 5.33 3.58 -8.33
N GLY A 113 4.05 3.25 -8.50
CA GLY A 113 3.65 2.04 -9.20
C GLY A 113 3.48 0.81 -8.35
N ARG A 114 3.76 0.88 -7.05
CA ARG A 114 3.66 -0.26 -6.15
C ARG A 114 2.93 0.12 -4.89
N GLY A 115 2.09 -0.78 -4.41
CA GLY A 115 1.44 -0.59 -3.12
C GLY A 115 0.68 0.72 -3.05
N ARG A 116 0.99 1.51 -2.01
CA ARG A 116 0.32 2.79 -1.83
C ARG A 116 0.86 3.88 -2.74
N GLY A 117 1.92 3.61 -3.50
CA GLY A 117 2.33 4.52 -4.54
C GLY A 117 1.28 4.57 -5.63
N ASN A 118 1.39 5.56 -6.52
CA ASN A 118 0.35 5.72 -7.53
C ASN A 118 0.52 4.70 -8.65
N ILE A 119 -0.61 4.16 -9.10
N ILE A 119 -0.61 4.15 -9.08
CA ILE A 119 -0.65 3.38 -10.33
CA ILE A 119 -0.72 3.36 -10.31
C ILE A 119 -1.36 4.24 -11.38
C ILE A 119 -1.37 4.26 -11.35
N PRO A 120 -0.64 4.75 -12.36
CA PRO A 120 -1.21 5.76 -13.26
C PRO A 120 -2.20 5.22 -14.28
N THR A 121 -3.47 5.27 -13.94
CA THR A 121 -4.51 4.88 -14.87
C THR A 121 -5.71 5.81 -14.70
N PHE A 122 -6.60 5.78 -15.70
CA PHE A 122 -7.59 6.85 -15.87
C PHE A 122 -8.92 6.26 -16.25
N ASN A 123 -9.68 6.95 -17.10
CA ASN A 123 -10.93 6.39 -17.62
C ASN A 123 -10.66 5.93 -19.04
N GLY A 124 -10.48 4.62 -19.20
CA GLY A 124 -10.13 4.03 -20.46
C GLY A 124 -9.25 2.83 -20.23
N PRO A 125 -8.75 2.23 -21.32
CA PRO A 125 -7.85 1.08 -21.18
C PRO A 125 -6.70 1.41 -20.26
N PHE A 126 -6.26 0.40 -19.48
CA PHE A 126 -5.29 0.61 -18.43
C PHE A 126 -4.09 1.43 -18.91
N GLY A 127 -3.80 2.50 -18.18
CA GLY A 127 -2.63 3.31 -18.44
C GLY A 127 -2.78 4.34 -19.53
N GLN A 128 -3.93 4.40 -20.20
CA GLN A 128 -4.12 5.27 -21.35
C GLN A 128 -4.95 6.48 -20.96
N LEU A 129 -4.43 7.68 -21.25
CA LEU A 129 -5.17 8.93 -21.06
C LEU A 129 -5.47 9.48 -22.45
N GLU A 130 -6.70 9.24 -22.91
CA GLU A 130 -7.07 9.54 -24.29
C GLU A 130 -6.07 8.85 -25.22
N GLU A 131 -5.43 9.60 -26.10
CA GLU A 131 -4.50 9.00 -27.06
C GLU A 131 -3.09 8.81 -26.52
N GLU A 132 -2.81 9.19 -25.27
CA GLU A 132 -1.47 9.10 -24.72
C GLU A 132 -1.33 7.86 -23.84
N SER A 133 -0.27 7.09 -24.08
CA SER A 133 0.04 5.94 -23.25
C SER A 133 0.94 6.40 -22.10
N ILE A 134 0.38 6.46 -20.89
CA ILE A 134 1.19 6.83 -19.73
C ILE A 134 1.97 5.62 -19.22
N VAL A 135 1.28 4.48 -19.09
CA VAL A 135 1.93 3.18 -18.90
C VAL A 135 1.25 2.18 -19.84
N ASN A 136 1.94 1.08 -20.09
CA ASN A 136 1.44 0.09 -21.04
C ASN A 136 0.21 -0.64 -20.52
N THR A 137 -0.73 -0.90 -21.42
CA THR A 137 -1.91 -1.70 -21.07
C THR A 137 -1.54 -3.16 -20.80
N VAL A 138 -0.56 -3.69 -21.53
CA VAL A 138 -0.11 -5.07 -21.31
C VAL A 138 0.82 -5.09 -20.11
N THR A 139 0.50 -5.92 -19.13
CA THR A 139 1.32 -6.04 -17.93
C THR A 139 2.18 -7.29 -17.97
N GLY A 140 3.15 -7.34 -17.06
CA GLY A 140 3.90 -8.55 -16.79
C GLY A 140 3.94 -8.77 -15.29
N ASN A 141 4.02 -10.04 -14.90
CA ASN A 141 3.99 -10.39 -13.49
C ASN A 141 4.45 -11.83 -13.32
N SER A 142 5.37 -12.06 -12.37
CA SER A 142 5.84 -13.41 -12.09
C SER A 142 4.72 -14.29 -11.54
N SER A 143 4.80 -15.58 -11.83
CA SER A 143 4.00 -16.57 -11.15
C SER A 143 4.64 -16.91 -9.81
N LYS A 144 3.88 -17.64 -8.98
CA LYS A 144 4.46 -18.22 -7.78
C LYS A 144 5.69 -19.05 -8.11
N GLU A 145 5.59 -19.86 -9.17
CA GLU A 145 6.69 -20.75 -9.55
C GLU A 145 7.93 -19.95 -9.92
N GLY A 146 7.76 -18.89 -10.70
CA GLY A 146 8.90 -18.08 -11.08
C GLY A 146 9.53 -17.38 -9.89
N ALA A 147 8.69 -16.97 -8.93
CA ALA A 147 9.23 -16.30 -7.75
C ALA A 147 9.93 -17.29 -6.83
N TRP A 148 9.39 -18.51 -6.71
CA TRP A 148 10.03 -19.54 -5.91
C TRP A 148 11.49 -19.72 -6.33
N VAL A 149 11.74 -19.86 -7.63
CA VAL A 149 13.11 -20.11 -8.08
C VAL A 149 13.94 -18.82 -8.09
N ARG A 150 13.32 -17.68 -8.42
CA ARG A 150 14.01 -16.40 -8.33
C ARG A 150 14.52 -16.17 -6.91
N ASP A 151 13.73 -16.53 -5.91
CA ASP A 151 14.07 -16.23 -4.53
C ASP A 151 14.92 -17.30 -3.88
N ARG A 152 15.21 -18.37 -4.62
CA ARG A 152 16.08 -19.46 -4.16
C ARG A 152 15.56 -20.10 -2.87
N LEU A 153 14.23 -20.25 -2.77
CA LEU A 153 13.71 -21.15 -1.75
C LEU A 153 14.24 -22.55 -1.96
N GLY A 154 14.31 -22.96 -3.24
CA GLY A 154 14.88 -24.22 -3.65
C GLY A 154 15.06 -24.20 -5.15
N PRO A 155 15.51 -25.32 -5.72
CA PRO A 155 15.82 -25.35 -7.16
C PRO A 155 14.62 -25.44 -8.07
N ALA A 156 13.47 -25.87 -7.56
CA ALA A 156 12.25 -25.98 -8.34
C ALA A 156 11.08 -25.65 -7.42
N PRO A 157 9.94 -25.23 -7.99
CA PRO A 157 8.78 -24.89 -7.15
C PRO A 157 8.39 -26.03 -6.23
N GLY A 158 8.06 -25.70 -4.99
CA GLY A 158 7.67 -26.68 -4.01
C GLY A 158 8.81 -27.37 -3.29
N GLN A 159 10.05 -27.20 -3.74
CA GLN A 159 11.21 -27.85 -3.13
C GLN A 159 12.05 -26.82 -2.39
N PHE A 160 12.52 -27.20 -1.20
CA PHE A 160 13.41 -26.35 -0.43
C PHE A 160 14.83 -26.92 -0.40
N PHE A 161 15.81 -26.04 -0.44
CA PHE A 161 17.16 -26.43 -0.06
C PHE A 161 17.13 -26.90 1.39
N GLU A 162 17.92 -27.92 1.70
CA GLU A 162 17.91 -28.48 3.05
C GLU A 162 18.26 -27.45 4.10
N ASN A 163 19.15 -26.51 3.79
CA ASN A 163 19.60 -25.50 4.74
C ASN A 163 18.71 -24.26 4.78
N SER A 164 17.56 -24.28 4.11
CA SER A 164 16.86 -23.03 3.85
C SER A 164 16.44 -22.34 5.15
N GLN A 165 16.61 -21.03 5.17
CA GLN A 165 16.09 -20.16 6.23
C GLN A 165 14.68 -19.64 5.94
N PHE A 166 14.03 -20.12 4.88
CA PHE A 166 12.68 -19.64 4.60
C PHE A 166 11.73 -20.09 5.71
N PRO A 167 10.76 -19.24 6.10
CA PRO A 167 9.73 -19.68 7.07
C PRO A 167 8.70 -20.62 6.45
N ARG A 168 9.07 -21.89 6.37
CA ARG A 168 8.22 -22.91 5.76
C ARG A 168 6.85 -22.95 6.43
N GLY A 169 5.85 -23.29 5.63
CA GLY A 169 4.47 -23.28 6.06
C GLY A 169 3.76 -21.95 5.85
N TYR A 170 4.50 -20.89 5.53
CA TYR A 170 3.94 -19.57 5.30
C TYR A 170 4.14 -19.13 3.86
N GLU A 171 4.21 -20.12 2.96
CA GLU A 171 4.37 -19.85 1.54
C GLU A 171 3.26 -18.96 0.99
N ASP A 172 2.00 -19.26 1.32
CA ASP A 172 0.91 -18.44 0.79
C ASP A 172 1.06 -16.99 1.23
N ASN A 173 1.32 -16.78 2.53
CA ASN A 173 1.48 -15.42 3.04
C ASN A 173 2.59 -14.68 2.31
N TYR A 174 3.70 -15.36 2.07
CA TYR A 174 4.85 -14.77 1.39
C TYR A 174 4.51 -14.36 -0.04
N PHE A 175 4.01 -15.31 -0.84
CA PHE A 175 3.76 -14.99 -2.24
C PHE A 175 2.65 -13.97 -2.41
N LYS A 176 1.74 -13.87 -1.43
CA LYS A 176 0.67 -12.89 -1.51
C LYS A 176 1.16 -11.45 -1.45
N GLU A 177 2.39 -11.21 -0.99
CA GLU A 177 2.91 -9.85 -0.91
C GLU A 177 3.41 -9.32 -2.26
N MET A 178 3.46 -10.16 -3.30
CA MET A 178 4.11 -9.80 -4.55
C MET A 178 3.08 -9.49 -5.63
N GLY A 179 3.44 -8.59 -6.54
CA GLY A 179 2.55 -8.24 -7.63
C GLY A 179 3.25 -7.54 -8.77
N PHE A 180 2.44 -7.07 -9.72
CA PHE A 180 2.99 -6.46 -10.92
C PHE A 180 3.44 -5.02 -10.67
N SER A 181 4.23 -4.50 -11.61
CA SER A 181 4.53 -3.07 -11.62
C SER A 181 4.21 -2.51 -13.00
N PRO A 182 3.50 -1.39 -13.08
CA PRO A 182 3.27 -0.76 -14.37
C PRO A 182 4.56 -0.16 -14.90
N SER A 183 4.56 0.18 -16.19
CA SER A 183 5.78 0.60 -16.90
C SER A 183 6.19 2.05 -16.64
N ILE A 184 6.15 2.51 -15.38
CA ILE A 184 6.65 3.83 -15.05
C ILE A 184 8.14 3.89 -15.35
N SER A 185 8.59 4.99 -15.93
CA SER A 185 10.01 5.14 -16.22
C SER A 185 10.83 5.10 -14.93
N SER A 186 11.96 4.40 -14.98
CA SER A 186 12.84 4.36 -13.81
C SER A 186 13.30 5.74 -13.42
N ASP A 187 13.44 6.65 -14.40
CA ASP A 187 13.81 8.03 -14.09
C ASP A 187 12.84 8.64 -13.09
N GLU A 188 11.54 8.37 -13.27
CA GLU A 188 10.55 8.98 -12.38
C GLU A 188 10.54 8.33 -11.01
N ILE A 189 10.93 7.05 -10.93
CA ILE A 189 11.07 6.41 -9.63
C ILE A 189 12.26 7.01 -8.88
N VAL A 190 13.42 7.12 -9.56
CA VAL A 190 14.59 7.75 -8.96
C VAL A 190 14.26 9.18 -8.53
N ASP A 191 13.53 9.92 -9.37
CA ASP A 191 13.16 11.31 -9.04
C ASP A 191 12.41 11.41 -7.72
N ALA A 192 11.43 10.51 -7.50
CA ALA A 192 10.66 10.55 -6.26
C ALA A 192 11.55 10.33 -5.05
N VAL A 193 12.49 9.39 -5.14
CA VAL A 193 13.35 9.10 -4.00
C VAL A 193 14.38 10.20 -3.79
N VAL A 194 14.89 10.80 -4.87
CA VAL A 194 15.75 11.98 -4.72
C VAL A 194 15.01 13.08 -3.95
N LYS A 195 13.75 13.32 -4.29
CA LYS A 195 12.98 14.33 -3.57
C LYS A 195 12.79 13.96 -2.11
N LEU A 196 12.54 12.68 -1.81
CA LEU A 196 12.45 12.24 -0.43
C LEU A 196 13.75 12.48 0.31
N VAL A 197 14.89 12.13 -0.32
CA VAL A 197 16.18 12.31 0.32
C VAL A 197 16.46 13.79 0.59
N THR A 198 16.04 14.67 -0.32
CA THR A 198 16.19 16.11 -0.09
C THR A 198 15.37 16.53 1.12
N HIS A 199 14.19 15.95 1.27
CA HIS A 199 13.32 16.31 2.39
C HIS A 199 13.87 15.79 3.72
N ILE A 200 14.45 14.59 3.72
CA ILE A 200 14.87 13.94 4.96
C ILE A 200 16.16 14.56 5.48
N GLY A 201 17.09 14.85 4.58
CA GLY A 201 18.45 15.17 4.96
C GLY A 201 19.33 13.94 4.88
N PRO A 202 20.51 14.00 5.48
CA PRO A 202 21.44 12.86 5.44
C PRO A 202 20.79 11.56 5.94
N CYS A 203 21.03 10.48 5.20
CA CYS A 203 20.32 9.24 5.47
C CYS A 203 21.08 8.09 4.82
N VAL A 204 20.62 6.86 5.08
CA VAL A 204 21.22 5.66 4.53
C VAL A 204 20.14 4.94 3.75
N LEU A 205 20.45 4.50 2.54
CA LEU A 205 19.51 3.70 1.77
C LEU A 205 19.78 2.23 2.01
N VAL A 206 18.72 1.48 2.33
CA VAL A 206 18.79 0.03 2.42
C VAL A 206 17.86 -0.51 1.35
N THR A 207 18.44 -1.13 0.33
CA THR A 207 17.73 -1.51 -0.88
C THR A 207 17.70 -3.03 -1.04
N HIS A 208 16.98 -3.47 -2.07
CA HIS A 208 16.72 -4.89 -2.28
C HIS A 208 16.42 -5.11 -3.75
N SER A 209 17.13 -6.04 -4.38
CA SER A 209 16.75 -6.55 -5.70
C SER A 209 16.60 -5.39 -6.67
N ALA A 210 15.42 -5.15 -7.25
CA ALA A 210 15.24 -4.12 -8.26
C ALA A 210 15.60 -2.73 -7.75
N SER A 211 15.45 -2.47 -6.45
CA SER A 211 15.79 -1.12 -5.99
C SER A 211 17.28 -0.91 -5.80
N GLY A 212 18.10 -1.96 -5.94
CA GLY A 212 19.53 -1.82 -5.86
C GLY A 212 20.07 -0.80 -6.85
N VAL A 213 19.86 -1.03 -8.14
CA VAL A 213 20.36 -0.08 -9.14
C VAL A 213 19.72 1.30 -8.96
N LEU A 214 18.45 1.34 -8.54
CA LEU A 214 17.78 2.62 -8.39
C LEU A 214 18.40 3.42 -7.24
N GLY A 215 18.77 2.73 -6.16
CA GLY A 215 19.41 3.42 -5.06
C GLY A 215 20.81 3.91 -5.40
N MET A 216 21.54 3.15 -6.20
CA MET A 216 22.84 3.62 -6.68
C MET A 216 22.66 4.92 -7.45
N ARG A 217 21.67 4.95 -8.35
CA ARG A 217 21.37 6.15 -9.11
C ARG A 217 21.00 7.32 -8.19
N VAL A 218 20.14 7.07 -7.20
CA VAL A 218 19.75 8.15 -6.28
C VAL A 218 21.00 8.74 -5.62
N ALA A 219 21.91 7.88 -5.17
CA ALA A 219 23.10 8.40 -4.49
C ALA A 219 23.93 9.31 -5.40
N THR A 220 23.99 9.01 -6.70
CA THR A 220 24.75 9.89 -7.61
C THR A 220 24.09 11.24 -7.81
N HIS A 221 22.81 11.37 -7.48
CA HIS A 221 22.07 12.62 -7.59
C HIS A 221 21.85 13.30 -6.24
N ALA A 222 22.22 12.67 -5.12
CA ALA A 222 21.81 13.16 -3.80
C ALA A 222 22.95 12.93 -2.81
N LYS A 223 23.70 14.01 -2.53
CA LYS A 223 24.77 13.92 -1.55
C LYS A 223 24.28 13.53 -0.17
N ASN A 224 22.98 13.68 0.12
CA ASN A 224 22.48 13.29 1.43
C ASN A 224 22.53 11.78 1.65
N VAL A 225 22.64 10.98 0.58
CA VAL A 225 22.81 9.53 0.78
C VAL A 225 24.22 9.30 1.30
N ARG A 226 24.34 8.84 2.54
CA ARG A 226 25.65 8.70 3.17
C ARG A 226 26.12 7.25 3.22
N GLY A 227 25.32 6.31 2.74
CA GLY A 227 25.72 4.93 2.71
C GLY A 227 24.63 4.13 2.05
N ILE A 228 25.02 2.98 1.51
CA ILE A 228 24.07 2.06 0.88
C ILE A 228 24.35 0.66 1.37
N VAL A 229 23.30 -0.06 1.76
CA VAL A 229 23.35 -1.51 1.92
C VAL A 229 22.29 -2.09 1.00
N ALA A 230 22.71 -2.91 0.06
CA ALA A 230 21.81 -3.48 -0.94
C ALA A 230 21.75 -4.99 -0.78
N TYR A 231 20.56 -5.51 -0.48
CA TYR A 231 20.34 -6.94 -0.41
C TYR A 231 20.08 -7.50 -1.80
N GLU A 232 21.03 -8.29 -2.31
CA GLU A 232 20.89 -8.99 -3.58
C GLU A 232 20.36 -8.09 -4.71
N PRO A 233 21.08 -7.02 -5.05
CA PRO A 233 20.64 -6.16 -6.15
C PRO A 233 20.51 -6.95 -7.44
N ALA A 234 19.53 -6.56 -8.27
CA ALA A 234 19.18 -7.31 -9.47
C ALA A 234 19.90 -6.81 -10.73
N THR A 235 20.29 -5.55 -10.78
CA THR A 235 20.91 -4.97 -11.97
C THR A 235 22.22 -4.31 -11.58
N SER A 236 23.30 -4.67 -12.28
CA SER A 236 24.61 -4.08 -12.04
C SER A 236 24.72 -2.72 -12.71
N ILE A 237 25.68 -1.91 -12.24
CA ILE A 237 25.88 -0.55 -12.74
C ILE A 237 27.36 -0.32 -13.01
N PHE A 238 27.65 0.36 -14.11
CA PHE A 238 29.02 0.60 -14.57
C PHE A 238 29.11 1.98 -15.20
N PRO A 239 30.32 2.54 -15.27
CA PRO A 239 30.51 3.78 -16.05
C PRO A 239 30.21 3.53 -17.52
N LYS A 240 29.68 4.56 -18.17
CA LYS A 240 29.35 4.50 -19.59
C LYS A 240 30.54 4.02 -20.41
N GLY A 241 30.31 3.02 -21.26
CA GLY A 241 31.35 2.50 -22.12
C GLY A 241 32.41 1.65 -21.43
N LYS A 242 32.23 1.35 -20.14
CA LYS A 242 33.18 0.55 -19.39
C LYS A 242 32.52 -0.69 -18.77
N VAL A 243 31.53 -1.26 -19.45
CA VAL A 243 30.92 -2.50 -19.00
C VAL A 243 31.90 -3.63 -19.31
N PRO A 244 32.34 -4.40 -18.31
CA PRO A 244 33.26 -5.50 -18.56
C PRO A 244 32.56 -6.67 -19.25
N GLU A 245 33.37 -7.59 -19.75
CA GLU A 245 32.80 -8.78 -20.38
C GLU A 245 32.09 -9.60 -19.33
N ILE A 246 30.82 -9.91 -19.60
CA ILE A 246 29.99 -10.71 -18.71
C ILE A 246 29.48 -11.89 -19.53
N PRO A 247 29.62 -13.12 -19.05
CA PRO A 247 29.27 -14.27 -19.87
C PRO A 247 27.76 -14.44 -19.94
N PRO A 248 27.27 -15.17 -20.93
CA PRO A 248 25.86 -15.57 -20.91
C PRO A 248 25.64 -16.62 -19.84
N LEU A 249 24.39 -17.04 -19.65
CA LEU A 249 24.11 -18.10 -18.70
C LEU A 249 24.57 -19.46 -19.25
N ALA A 250 24.44 -20.49 -18.42
CA ALA A 250 24.90 -21.82 -18.77
C ALA A 250 24.15 -22.39 -19.97
N ASP A 251 22.94 -21.89 -20.25
CA ASP A 251 22.24 -22.31 -21.45
C ASP A 251 22.86 -21.74 -22.72
N LYS A 252 23.86 -20.86 -22.59
CA LYS A 252 24.56 -20.25 -23.72
C LYS A 252 23.61 -19.50 -24.64
N LYS A 253 22.51 -18.99 -24.08
CA LYS A 253 21.48 -18.27 -24.81
C LYS A 253 21.06 -17.03 -24.04
N SER A 254 20.83 -17.20 -22.74
CA SER A 254 20.26 -16.16 -21.90
C SER A 254 21.37 -15.26 -21.38
N GLN A 255 20.97 -14.05 -20.98
CA GLN A 255 21.86 -13.07 -20.38
C GLN A 255 21.24 -12.60 -19.07
N ILE A 256 22.06 -11.98 -18.23
CA ILE A 256 21.53 -11.32 -17.03
C ILE A 256 20.85 -10.02 -17.46
N PHE A 257 20.38 -9.23 -16.49
CA PHE A 257 19.76 -7.96 -16.82
C PHE A 257 20.82 -7.04 -17.40
N PRO A 258 20.56 -6.37 -18.51
CA PRO A 258 21.55 -5.47 -19.10
C PRO A 258 22.06 -4.47 -18.07
N PRO A 259 23.37 -4.41 -17.87
CA PRO A 259 23.91 -3.48 -16.87
C PRO A 259 23.55 -2.04 -17.22
N PHE A 260 23.27 -1.27 -16.17
CA PHE A 260 22.95 0.14 -16.34
C PHE A 260 24.24 0.95 -16.43
N GLU A 261 24.30 1.88 -17.38
CA GLU A 261 25.49 2.70 -17.61
C GLU A 261 25.19 4.15 -17.26
N ILE A 262 26.10 4.77 -16.50
CA ILE A 262 25.97 6.18 -16.12
C ILE A 262 27.27 6.89 -16.43
N GLN A 263 27.18 8.18 -16.70
CA GLN A 263 28.37 8.99 -16.94
C GLN A 263 29.34 8.88 -15.78
N GLU A 264 30.64 8.86 -16.10
CA GLU A 264 31.65 8.60 -15.07
C GLU A 264 31.64 9.67 -13.97
N SER A 265 31.31 10.92 -14.32
CA SER A 265 31.26 11.96 -13.29
C SER A 265 30.21 11.66 -12.23
N TYR A 266 29.12 10.98 -12.62
CA TYR A 266 28.13 10.54 -11.64
C TYR A 266 28.58 9.27 -10.95
N PHE A 267 29.12 8.31 -11.72
CA PHE A 267 29.58 7.05 -11.13
C PHE A 267 30.58 7.30 -10.01
N LYS A 268 31.45 8.30 -10.19
CA LYS A 268 32.48 8.57 -9.20
C LYS A 268 31.91 8.96 -7.85
N LYS A 269 30.68 9.49 -7.81
CA LYS A 269 30.09 9.82 -6.52
C LYS A 269 29.89 8.59 -5.66
N LEU A 270 29.78 7.41 -6.28
CA LEU A 270 29.64 6.17 -5.51
C LEU A 270 30.89 5.83 -4.71
N ALA A 271 32.05 6.40 -5.07
CA ALA A 271 33.26 6.15 -4.31
C ALA A 271 33.35 6.96 -3.03
N LYS A 272 32.42 7.88 -2.80
CA LYS A 272 32.52 8.79 -1.66
C LYS A 272 31.78 8.32 -0.43
N ILE A 273 31.05 7.20 -0.53
CA ILE A 273 30.25 6.69 0.58
C ILE A 273 30.48 5.21 0.73
N PRO A 274 30.29 4.64 1.93
CA PRO A 274 30.42 3.19 2.08
C PRO A 274 29.22 2.48 1.44
N ILE A 275 29.53 1.43 0.69
CA ILE A 275 28.51 0.64 -0.02
C ILE A 275 28.76 -0.83 0.25
N GLN A 276 27.70 -1.56 0.63
CA GLN A 276 27.80 -2.98 0.87
C GLN A 276 26.67 -3.69 0.12
N PHE A 277 27.03 -4.69 -0.67
CA PHE A 277 26.05 -5.59 -1.29
C PHE A 277 26.03 -6.88 -0.47
N VAL A 278 24.85 -7.35 -0.10
CA VAL A 278 24.69 -8.54 0.74
C VAL A 278 24.06 -9.64 -0.07
N PHE A 279 24.68 -10.82 -0.09
CA PHE A 279 24.12 -11.97 -0.80
C PHE A 279 23.86 -13.13 0.16
N GLY A 280 22.77 -13.84 -0.09
CA GLY A 280 22.42 -15.03 0.65
C GLY A 280 23.12 -16.28 0.15
N ASP A 281 22.48 -17.42 0.36
CA ASP A 281 23.12 -18.71 0.14
C ASP A 281 22.55 -19.37 -1.12
N ASN A 282 23.14 -20.52 -1.46
CA ASN A 282 22.65 -21.38 -2.53
C ASN A 282 22.77 -20.76 -3.91
N ILE A 283 23.72 -19.86 -4.09
CA ILE A 283 24.11 -19.38 -5.40
C ILE A 283 25.25 -20.28 -5.89
N PRO A 284 25.08 -20.99 -7.01
CA PRO A 284 26.10 -21.96 -7.41
C PRO A 284 27.41 -21.28 -7.81
N LYS A 285 28.51 -22.00 -7.57
CA LYS A 285 29.81 -21.54 -8.03
C LYS A 285 30.01 -21.81 -9.52
N ASN A 286 29.48 -22.92 -10.01
CA ASN A 286 29.70 -23.38 -11.37
C ASN A 286 28.40 -23.34 -12.18
N PRO A 287 28.50 -23.31 -13.51
CA PRO A 287 27.29 -23.21 -14.34
C PRO A 287 26.28 -24.31 -14.03
N LYS A 288 25.00 -23.91 -13.99
CA LYS A 288 23.88 -24.81 -13.70
C LYS A 288 22.85 -24.68 -14.81
N SER A 289 23.04 -25.45 -15.89
CA SER A 289 22.13 -25.36 -17.03
C SER A 289 20.73 -25.84 -16.69
N ALA A 290 20.55 -26.69 -15.68
CA ALA A 290 19.23 -27.21 -15.35
C ALA A 290 18.39 -26.24 -14.55
N TYR A 291 19.00 -25.21 -13.96
CA TYR A 291 18.30 -24.31 -13.02
C TYR A 291 18.57 -22.86 -13.41
N TRP A 292 17.68 -22.32 -14.24
CA TRP A 292 17.94 -21.03 -14.89
C TRP A 292 18.21 -19.92 -13.88
N PHE A 293 17.33 -19.78 -12.86
CA PHE A 293 17.51 -18.67 -11.94
C PHE A 293 18.69 -18.86 -11.00
N LEU A 294 19.05 -20.10 -10.66
CA LEU A 294 20.29 -20.31 -9.90
C LEU A 294 21.48 -19.83 -10.71
N ASP A 295 21.52 -20.18 -11.99
CA ASP A 295 22.62 -19.74 -12.84
C ASP A 295 22.59 -18.23 -13.04
N TRP A 296 21.39 -17.66 -13.20
CA TRP A 296 21.26 -16.21 -13.31
C TRP A 296 21.87 -15.51 -12.11
N TRP A 297 21.64 -16.05 -10.90
CA TRP A 297 22.22 -15.42 -9.71
C TRP A 297 23.74 -15.56 -9.68
N ARG A 298 24.27 -16.68 -10.17
CA ARG A 298 25.73 -16.84 -10.27
C ARG A 298 26.32 -15.72 -11.11
N VAL A 299 25.79 -15.50 -12.31
CA VAL A 299 26.39 -14.50 -13.20
C VAL A 299 26.08 -13.09 -12.71
N THR A 300 24.89 -12.87 -12.15
CA THR A 300 24.55 -11.55 -11.64
C THR A 300 25.45 -11.15 -10.46
N ARG A 301 25.67 -12.09 -9.53
CA ARG A 301 26.60 -11.82 -8.44
C ARG A 301 27.99 -11.50 -8.97
N TYR A 302 28.45 -12.26 -9.97
CA TYR A 302 29.75 -11.98 -10.58
C TYR A 302 29.80 -10.57 -11.15
N ALA A 303 28.77 -10.18 -11.92
CA ALA A 303 28.73 -8.82 -12.46
C ALA A 303 28.81 -7.77 -11.37
N HIS A 304 28.07 -7.96 -10.26
CA HIS A 304 28.15 -7.02 -9.16
C HIS A 304 29.54 -6.95 -8.56
N SER A 305 30.25 -8.08 -8.49
CA SER A 305 31.61 -8.04 -7.97
C SER A 305 32.49 -7.12 -8.82
N LEU A 306 32.27 -7.13 -10.14
CA LEU A 306 33.04 -6.25 -11.03
C LEU A 306 32.63 -4.79 -10.87
N SER A 307 31.34 -4.55 -10.61
CA SER A 307 30.84 -3.20 -10.39
C SER A 307 31.44 -2.61 -9.12
N LEU A 308 31.43 -3.39 -8.03
CA LEU A 308 32.08 -2.94 -6.79
C LEU A 308 33.57 -2.70 -7.00
N GLU A 309 34.22 -3.57 -7.77
CA GLU A 309 35.64 -3.37 -8.06
C GLU A 309 35.89 -2.04 -8.77
N ALA A 310 34.99 -1.68 -9.70
CA ALA A 310 35.15 -0.42 -10.42
C ALA A 310 35.01 0.77 -9.49
N ILE A 311 34.11 0.68 -8.51
CA ILE A 311 33.98 1.73 -7.52
C ILE A 311 35.25 1.84 -6.68
N ASN A 312 35.81 0.70 -6.29
CA ASN A 312 37.02 0.73 -5.46
C ASN A 312 38.20 1.28 -6.23
N LYS A 313 38.23 1.11 -7.56
CA LYS A 313 39.31 1.66 -8.37
C LYS A 313 39.21 3.17 -8.54
N LEU A 314 38.09 3.76 -8.12
CA LEU A 314 37.92 5.21 -8.07
C LEU A 314 38.07 5.73 -6.65
N GLY A 315 38.68 4.94 -5.76
CA GLY A 315 38.89 5.36 -4.40
C GLY A 315 37.78 4.99 -3.44
N GLY A 316 36.89 4.09 -3.82
CA GLY A 316 35.70 3.82 -3.04
C GLY A 316 35.93 2.82 -1.92
N GLN A 317 34.81 2.49 -1.25
CA GLN A 317 34.82 1.53 -0.17
C GLN A 317 33.54 0.70 -0.35
N ALA A 318 33.58 -0.16 -1.37
CA ALA A 318 32.45 -0.94 -1.82
C ALA A 318 32.75 -2.42 -1.58
N SER A 319 31.89 -3.09 -0.83
CA SER A 319 32.17 -4.44 -0.40
C SER A 319 31.02 -5.37 -0.75
N LEU A 320 31.35 -6.66 -0.86
CA LEU A 320 30.39 -7.73 -1.06
C LEU A 320 30.42 -8.64 0.16
N LEU A 321 29.30 -8.74 0.85
CA LEU A 321 29.18 -9.61 2.01
C LEU A 321 28.36 -10.84 1.61
N ASP A 322 29.01 -11.99 1.54
CA ASP A 322 28.31 -13.26 1.38
C ASP A 322 27.94 -13.76 2.77
N LEU A 323 26.65 -13.84 3.05
CA LEU A 323 26.22 -14.26 4.39
C LEU A 323 26.83 -15.58 4.86
N PRO A 324 27.02 -16.60 4.00
CA PRO A 324 27.70 -17.81 4.50
C PRO A 324 29.08 -17.54 5.07
N THR A 325 29.82 -16.54 4.55
CA THR A 325 31.13 -16.26 5.11
C THR A 325 31.03 -15.67 6.51
N ALA A 326 29.91 -15.03 6.82
CA ALA A 326 29.65 -14.53 8.17
C ALA A 326 29.07 -15.59 9.09
N GLY A 327 28.93 -16.82 8.62
CA GLY A 327 28.41 -17.89 9.44
C GLY A 327 26.91 -18.10 9.34
N LEU A 328 26.24 -17.45 8.39
CA LEU A 328 24.79 -17.56 8.22
C LEU A 328 24.53 -18.40 6.98
N ARG A 329 23.88 -19.55 7.15
CA ARG A 329 23.68 -20.49 6.06
C ARG A 329 22.20 -20.57 5.70
N GLY A 330 21.92 -20.70 4.41
CA GLY A 330 20.59 -20.97 3.92
C GLY A 330 19.73 -19.77 3.60
N ASN A 331 20.27 -18.56 3.62
CA ASN A 331 19.42 -17.40 3.36
C ASN A 331 18.91 -17.39 1.92
N THR A 332 17.67 -16.94 1.76
CA THR A 332 17.04 -16.74 0.47
C THR A 332 17.36 -15.36 -0.07
N HIS A 333 16.66 -14.97 -1.14
CA HIS A 333 16.75 -13.64 -1.73
C HIS A 333 16.13 -12.55 -0.85
N PHE A 334 15.46 -12.92 0.24
CA PHE A 334 14.92 -11.97 1.22
C PHE A 334 15.55 -12.24 2.58
N PRO A 335 16.85 -11.98 2.77
CA PRO A 335 17.46 -12.34 4.06
C PRO A 335 16.81 -11.64 5.24
N PHE A 336 16.25 -10.46 5.02
CA PHE A 336 15.64 -9.65 6.07
C PHE A 336 14.25 -10.15 6.48
N THR A 337 13.68 -11.16 5.81
CA THR A 337 12.48 -11.83 6.31
C THR A 337 12.69 -13.31 6.62
N ASP A 338 13.89 -13.85 6.42
CA ASP A 338 14.20 -15.24 6.72
C ASP A 338 14.18 -15.49 8.23
N ARG A 339 14.27 -16.78 8.59
CA ARG A 339 14.18 -17.17 10.00
C ARG A 339 15.29 -16.55 10.84
N ASN A 340 16.46 -16.31 10.26
CA ASN A 340 17.59 -15.73 10.98
C ASN A 340 17.71 -14.22 10.73
N ASN A 341 16.58 -13.56 10.45
CA ASN A 341 16.68 -12.14 10.10
C ASN A 341 17.21 -11.27 11.22
N VAL A 342 17.10 -11.71 12.48
CA VAL A 342 17.72 -10.96 13.57
C VAL A 342 19.24 -10.95 13.42
N GLN A 343 19.81 -12.08 13.02
CA GLN A 343 21.26 -12.12 12.79
C GLN A 343 21.65 -11.31 11.56
N VAL A 344 20.81 -11.34 10.51
CA VAL A 344 21.05 -10.47 9.35
C VAL A 344 21.05 -9.01 9.79
N ALA A 345 20.08 -8.63 10.63
CA ALA A 345 20.00 -7.26 11.11
C ALA A 345 21.24 -6.88 11.90
N SER A 346 21.77 -7.82 12.68
CA SER A 346 22.96 -7.52 13.48
C SER A 346 24.12 -7.14 12.58
N LEU A 347 24.24 -7.80 11.43
CA LEU A 347 25.30 -7.45 10.47
C LEU A 347 25.08 -6.09 9.86
N LEU A 348 23.81 -5.69 9.66
CA LEU A 348 23.55 -4.33 9.19
C LEU A 348 23.91 -3.30 10.26
N SER A 349 23.57 -3.58 11.52
CA SER A 349 23.99 -2.68 12.60
C SER A 349 25.50 -2.57 12.67
N ASP A 350 26.21 -3.69 12.43
CA ASP A 350 27.67 -3.65 12.44
C ASP A 350 28.20 -2.70 11.38
N PHE A 351 27.63 -2.76 10.18
CA PHE A 351 28.04 -1.87 9.10
C PHE A 351 27.76 -0.42 9.46
N LEU A 352 26.56 -0.13 9.97
CA LEU A 352 26.23 1.23 10.34
C LEU A 352 27.18 1.74 11.42
N GLY A 353 27.50 0.89 12.40
CA GLY A 353 28.36 1.33 13.48
C GLY A 353 29.79 1.60 13.06
N LYS A 354 30.33 0.74 12.23
CA LYS A 354 31.66 0.99 11.79
C LYS A 354 31.84 2.25 11.00
N HIS A 355 30.83 2.66 10.26
CA HIS A 355 30.92 3.86 9.46
C HIS A 355 30.36 5.09 10.16
N GLY A 356 30.13 5.00 11.47
CA GLY A 356 29.68 6.13 12.24
C GLY A 356 28.27 6.59 11.92
N LEU A 357 27.50 5.74 11.22
CA LEU A 357 26.13 6.08 10.85
C LEU A 357 25.14 5.83 11.97
N ASP A 358 25.60 5.38 13.13
CA ASP A 358 24.77 5.16 14.30
C ASP A 358 25.10 6.12 15.43
N GLN A 359 25.79 7.23 15.12
CA GLN A 359 26.14 8.24 16.10
C GLN A 359 25.72 9.60 15.55
N ASN A 360 25.41 10.52 16.47
CA ASN A 360 24.95 11.86 16.09
C ASN A 360 26.12 12.81 15.92
N SER B 11 -0.47 16.88 17.02
CA SER B 11 -0.02 17.55 18.25
C SER B 11 0.52 16.59 19.34
N LYS B 12 -0.24 15.62 19.83
CA LYS B 12 0.37 14.63 20.75
C LYS B 12 0.87 13.38 19.99
N ARG B 13 2.16 13.28 19.78
CA ARG B 13 2.66 12.29 18.84
C ARG B 13 3.19 10.96 19.30
N LYS B 14 3.54 10.86 20.56
CA LYS B 14 4.13 9.66 21.09
C LYS B 14 3.18 8.51 21.15
N VAL B 15 3.64 7.35 20.74
CA VAL B 15 2.85 6.14 20.72
C VAL B 15 3.67 4.98 21.22
N VAL B 16 3.09 4.17 22.07
CA VAL B 16 3.80 3.03 22.65
C VAL B 16 3.08 1.76 22.24
N LEU B 17 3.78 0.88 21.54
CA LEU B 17 3.19 -0.32 20.98
C LEU B 17 3.75 -1.55 21.67
N ALA B 18 2.87 -2.39 22.21
CA ALA B 18 3.29 -3.70 22.66
C ALA B 18 3.79 -4.53 21.49
N GLU B 19 3.21 -4.33 20.31
CA GLU B 19 3.62 -5.03 19.10
C GLU B 19 2.99 -4.34 17.91
N GLN B 20 3.62 -4.52 16.76
CA GLN B 20 3.06 -4.04 15.50
C GLN B 20 3.49 -4.99 14.41
N GLY B 21 2.78 -4.94 13.30
CA GLY B 21 3.17 -5.74 12.17
C GLY B 21 2.12 -5.69 11.08
N SER B 22 2.30 -6.57 10.10
CA SER B 22 1.34 -6.65 9.03
C SER B 22 1.34 -8.05 8.44
N PHE B 23 0.25 -8.37 7.74
CA PHE B 23 0.12 -9.69 7.15
C PHE B 23 -0.88 -9.62 6.00
N TYR B 24 -0.87 -10.67 5.18
CA TYR B 24 -1.84 -10.87 4.11
C TYR B 24 -2.87 -11.90 4.52
N ILE B 25 -4.12 -11.68 4.12
CA ILE B 25 -5.20 -12.61 4.44
C ILE B 25 -6.20 -12.61 3.30
N GLY B 26 -6.86 -13.76 3.10
CA GLY B 26 -7.87 -13.86 2.07
C GLY B 26 -7.28 -14.07 0.69
N GLY B 27 -8.18 -14.04 -0.30
CA GLY B 27 -7.79 -14.26 -1.67
C GLY B 27 -7.93 -15.71 -2.10
N ARG B 28 -7.59 -15.94 -3.37
CA ARG B 28 -7.64 -17.25 -3.97
C ARG B 28 -6.48 -17.37 -4.96
N THR B 29 -6.40 -18.51 -5.64
CA THR B 29 -5.40 -18.69 -6.68
C THR B 29 -6.09 -18.96 -8.01
N VAL B 30 -5.45 -18.50 -9.09
CA VAL B 30 -5.81 -18.85 -10.46
C VAL B 30 -4.56 -19.37 -11.14
N THR B 31 -4.76 -20.16 -12.20
CA THR B 31 -3.66 -20.88 -12.83
C THR B 31 -3.64 -20.68 -14.32
N GLY B 32 -2.43 -20.63 -14.88
CA GLY B 32 -2.23 -20.62 -16.30
C GLY B 32 -2.08 -22.03 -16.83
N PRO B 33 -1.95 -22.16 -18.15
CA PRO B 33 -1.88 -23.49 -18.76
C PRO B 33 -0.47 -24.04 -18.70
N GLY B 34 -0.37 -25.36 -18.82
CA GLY B 34 0.92 -25.98 -19.01
C GLY B 34 1.69 -26.24 -17.73
N LYS B 35 2.99 -26.43 -17.90
CA LYS B 35 3.90 -26.82 -16.82
C LYS B 35 5.06 -25.85 -16.76
N PHE B 36 5.57 -25.64 -15.54
CA PHE B 36 6.72 -24.76 -15.33
C PHE B 36 7.99 -25.57 -15.39
N ASP B 37 8.94 -25.14 -16.24
CA ASP B 37 10.22 -25.82 -16.39
C ASP B 37 11.31 -24.91 -15.84
N PRO B 38 11.95 -25.26 -14.73
CA PRO B 38 12.97 -24.37 -14.13
C PRO B 38 14.21 -24.18 -14.97
N SER B 39 14.42 -24.96 -16.04
CA SER B 39 15.59 -24.79 -16.88
C SER B 39 15.39 -23.77 -17.99
N LYS B 40 14.15 -23.40 -18.28
CA LYS B 40 13.82 -22.44 -19.31
C LYS B 40 13.87 -21.02 -18.74
N PRO B 41 14.16 -20.03 -19.57
CA PRO B 41 14.26 -18.65 -19.07
C PRO B 41 13.00 -18.24 -18.34
N VAL B 42 13.15 -17.72 -17.12
CA VAL B 42 12.04 -17.32 -16.30
C VAL B 42 11.57 -15.92 -16.57
N ILE B 43 12.49 -15.12 -17.11
CA ILE B 43 12.22 -13.77 -17.50
C ILE B 43 12.45 -13.63 -19.03
N PRO B 44 11.52 -13.11 -19.83
CA PRO B 44 10.24 -12.49 -19.47
C PRO B 44 9.21 -13.43 -18.88
N TYR B 45 8.51 -12.96 -17.88
CA TYR B 45 7.56 -13.79 -17.17
C TYR B 45 6.50 -14.38 -18.05
N SER B 46 6.14 -15.61 -17.78
CA SER B 46 5.17 -16.34 -18.57
C SER B 46 4.02 -16.81 -17.70
N ASN B 47 2.84 -16.94 -18.30
CA ASN B 47 1.71 -17.60 -17.63
C ASN B 47 1.82 -19.12 -17.67
N GLU B 48 2.78 -19.68 -18.40
CA GLU B 48 2.86 -21.13 -18.54
C GLU B 48 3.23 -21.77 -17.21
N GLY B 49 2.42 -22.74 -16.78
CA GLY B 49 2.64 -23.40 -15.51
C GLY B 49 2.46 -22.50 -14.30
N ALA B 50 1.76 -21.39 -14.45
CA ALA B 50 1.70 -20.35 -13.43
C ALA B 50 0.59 -20.59 -12.40
N THR B 51 0.90 -20.33 -11.14
CA THR B 51 -0.08 -20.10 -10.09
C THR B 51 0.04 -18.65 -9.67
N PHE B 52 -1.09 -17.95 -9.63
CA PHE B 52 -1.12 -16.56 -9.20
C PHE B 52 -2.03 -16.43 -7.99
N TYR B 53 -1.54 -15.77 -6.94
CA TYR B 53 -2.40 -15.41 -5.82
C TYR B 53 -3.09 -14.09 -6.14
N ILE B 54 -4.42 -14.07 -6.08
CA ILE B 54 -5.18 -12.87 -6.42
C ILE B 54 -6.19 -12.54 -5.32
N ASN B 55 -6.49 -11.24 -5.21
CA ASN B 55 -7.56 -10.69 -4.40
C ASN B 55 -7.32 -10.80 -2.89
N GLN B 56 -6.06 -11.00 -2.49
CA GLN B 56 -5.70 -10.97 -1.09
C GLN B 56 -5.68 -9.54 -0.55
N MET B 57 -5.78 -9.43 0.77
CA MET B 57 -5.87 -8.16 1.48
C MET B 57 -4.64 -7.95 2.36
N TYR B 58 -4.15 -6.71 2.41
CA TYR B 58 -3.09 -6.32 3.34
C TYR B 58 -3.71 -5.80 4.64
N VAL B 59 -3.12 -6.20 5.76
CA VAL B 59 -3.61 -5.82 7.08
C VAL B 59 -2.42 -5.38 7.94
N ASN B 60 -2.50 -4.18 8.51
N ASN B 60 -2.52 -4.21 8.57
CA ASN B 60 -1.54 -3.68 9.47
CA ASN B 60 -1.51 -3.65 9.46
C ASN B 60 -2.19 -3.69 10.85
C ASN B 60 -2.12 -3.52 10.85
N PHE B 61 -1.41 -3.99 11.88
CA PHE B 61 -1.91 -3.90 13.25
C PHE B 61 -0.91 -3.18 14.15
N GLN B 62 -1.45 -2.41 15.09
CA GLN B 62 -0.67 -1.77 16.15
C GLN B 62 -1.43 -1.98 17.45
N ALA B 63 -0.77 -2.62 18.42
CA ALA B 63 -1.43 -2.94 19.68
C ALA B 63 -0.80 -2.14 20.80
N PRO B 64 -1.58 -1.44 21.60
CA PRO B 64 -1.02 -0.73 22.75
C PRO B 64 -0.67 -1.72 23.85
N VAL B 65 0.05 -1.21 24.85
CA VAL B 65 0.27 -1.97 26.07
C VAL B 65 -1.04 -2.02 26.85
N ARG B 66 -1.46 -3.21 27.24
CA ARG B 66 -2.69 -3.41 28.01
C ARG B 66 -3.89 -2.75 27.34
N PRO B 67 -4.32 -3.26 26.18
CA PRO B 67 -5.50 -2.69 25.52
C PRO B 67 -6.74 -2.80 26.39
N ARG B 68 -7.69 -1.89 26.14
CA ARG B 68 -8.95 -1.83 26.87
C ARG B 68 -10.07 -1.80 25.85
N GLY B 69 -10.88 -2.85 25.82
CA GLY B 69 -11.95 -2.94 24.86
C GLY B 69 -11.52 -3.60 23.56
N LEU B 70 -12.41 -3.49 22.58
CA LEU B 70 -12.29 -4.28 21.36
C LEU B 70 -11.34 -3.64 20.37
N PRO B 71 -10.66 -4.44 19.57
CA PRO B 71 -9.88 -3.89 18.47
C PRO B 71 -10.78 -3.18 17.47
N LEU B 72 -10.23 -2.14 16.85
CA LEU B 72 -10.91 -1.39 15.81
C LEU B 72 -10.29 -1.74 14.46
N VAL B 73 -11.13 -1.93 13.46
CA VAL B 73 -10.71 -2.19 12.09
C VAL B 73 -11.11 -0.99 11.27
N PHE B 74 -10.12 -0.18 10.87
CA PHE B 74 -10.36 1.00 10.06
C PHE B 74 -10.28 0.62 8.59
N TRP B 75 -11.34 0.96 7.84
CA TRP B 75 -11.54 0.49 6.48
C TRP B 75 -11.75 1.69 5.58
N HIS B 76 -10.73 2.01 4.78
CA HIS B 76 -10.71 3.17 3.92
C HIS B 76 -11.85 3.17 2.91
N GLY B 77 -12.21 4.37 2.45
CA GLY B 77 -13.19 4.56 1.39
C GLY B 77 -12.66 4.22 0.01
N GLY B 78 -13.51 4.51 -0.98
CA GLY B 78 -13.21 4.09 -2.35
C GLY B 78 -11.99 4.80 -2.90
N GLY B 79 -11.11 4.04 -3.54
CA GLY B 79 -9.91 4.61 -4.13
C GLY B 79 -8.86 5.04 -3.15
N LEU B 80 -8.93 4.61 -1.89
CA LEU B 80 -8.04 5.04 -0.84
C LEU B 80 -7.25 3.85 -0.28
N THR B 81 -6.45 4.11 0.74
CA THR B 81 -5.71 3.08 1.44
C THR B 81 -5.69 3.41 2.92
N GLY B 82 -5.05 2.55 3.70
CA GLY B 82 -4.89 2.79 5.13
C GLY B 82 -4.13 4.06 5.46
N HIS B 83 -3.49 4.70 4.48
CA HIS B 83 -2.81 5.97 4.76
C HIS B 83 -3.75 6.97 5.42
N ILE B 84 -5.03 6.96 5.05
CA ILE B 84 -5.93 7.99 5.54
C ILE B 84 -6.16 7.87 7.03
N TRP B 85 -5.89 6.71 7.62
CA TRP B 85 -5.97 6.55 9.06
C TRP B 85 -4.64 6.78 9.76
N GLU B 86 -3.53 6.88 9.00
CA GLU B 86 -2.21 7.04 9.60
C GLU B 86 -1.90 8.50 9.89
N SER B 87 -2.17 9.38 8.93
CA SER B 87 -1.83 10.79 9.03
C SER B 87 -2.82 11.58 8.19
N THR B 88 -2.99 12.85 8.55
CA THR B 88 -3.76 13.78 7.74
C THR B 88 -2.85 14.32 6.64
N PRO B 89 -3.42 14.96 5.61
CA PRO B 89 -2.57 15.47 4.51
C PRO B 89 -1.51 16.45 4.96
N ASP B 90 -1.75 17.18 6.04
CA ASP B 90 -0.80 18.13 6.60
C ASP B 90 0.06 17.53 7.69
N GLY B 91 0.03 16.21 7.86
CA GLY B 91 0.96 15.52 8.71
C GLY B 91 0.59 15.44 10.18
N ARG B 92 -0.65 15.72 10.54
CA ARG B 92 -1.10 15.51 11.91
C ARG B 92 -1.48 14.05 12.10
N PRO B 93 -1.49 13.58 13.36
CA PRO B 93 -1.82 12.17 13.61
C PRO B 93 -3.21 11.80 13.10
N GLY B 94 -3.28 10.63 12.46
CA GLY B 94 -4.54 10.04 12.08
C GLY B 94 -5.14 9.20 13.19
N PHE B 95 -6.30 8.61 12.87
CA PHE B 95 -7.04 7.83 13.87
C PHE B 95 -6.27 6.61 14.35
N GLN B 96 -5.33 6.09 13.55
CA GLN B 96 -4.53 4.96 14.03
C GLN B 96 -3.79 5.33 15.30
N THR B 97 -3.02 6.42 15.26
CA THR B 97 -2.32 6.90 16.45
C THR B 97 -3.30 7.26 17.56
N LEU B 98 -4.36 8.01 17.22
CA LEU B 98 -5.27 8.50 18.24
C LEU B 98 -5.91 7.36 19.01
N PHE B 99 -6.24 6.26 18.32
CA PHE B 99 -6.95 5.17 18.98
C PHE B 99 -6.03 4.15 19.64
N VAL B 100 -4.77 4.04 19.19
CA VAL B 100 -3.79 3.32 20.00
C VAL B 100 -3.56 4.07 21.31
N GLN B 101 -3.48 5.40 21.24
CA GLN B 101 -3.37 6.20 22.45
C GLN B 101 -4.61 6.05 23.33
N ASP B 102 -5.77 5.83 22.72
CA ASP B 102 -7.03 5.54 23.41
C ASP B 102 -7.15 4.08 23.82
N ARG B 103 -6.05 3.34 23.77
CA ARG B 103 -5.92 2.00 24.34
C ARG B 103 -6.66 0.91 23.57
N HIS B 104 -6.91 1.10 22.27
CA HIS B 104 -7.42 0.04 21.42
C HIS B 104 -6.31 -0.48 20.51
N THR B 105 -6.27 -1.79 20.32
CA THR B 105 -5.53 -2.34 19.19
C THR B 105 -6.21 -1.88 17.91
N VAL B 106 -5.41 -1.47 16.94
CA VAL B 106 -5.91 -0.86 15.72
C VAL B 106 -5.42 -1.66 14.52
N TYR B 107 -6.37 -2.12 13.71
CA TYR B 107 -6.08 -2.73 12.43
C TYR B 107 -6.43 -1.72 11.34
N THR B 108 -5.52 -1.54 10.38
CA THR B 108 -5.78 -0.74 9.20
C THR B 108 -5.55 -1.61 7.98
N ILE B 109 -6.50 -1.63 7.05
CA ILE B 109 -6.41 -2.53 5.90
C ILE B 109 -6.22 -1.75 4.61
N ASP B 110 -5.59 -2.41 3.64
CA ASP B 110 -5.69 -2.04 2.23
C ASP B 110 -6.49 -3.18 1.60
N GLN B 111 -7.73 -2.89 1.20
CA GLN B 111 -8.60 -3.94 0.72
C GLN B 111 -8.08 -4.50 -0.61
N PRO B 112 -8.52 -5.71 -0.99
CA PRO B 112 -8.14 -6.23 -2.31
C PRO B 112 -8.40 -5.20 -3.40
N GLY B 113 -7.41 -5.01 -4.27
CA GLY B 113 -7.52 -4.05 -5.34
C GLY B 113 -7.01 -2.66 -5.02
N ARG B 114 -6.60 -2.39 -3.79
CA ARG B 114 -6.14 -1.07 -3.39
C ARG B 114 -4.84 -1.14 -2.60
N GLY B 115 -3.93 -0.22 -2.87
CA GLY B 115 -2.73 -0.12 -2.06
C GLY B 115 -1.95 -1.41 -2.04
N ARG B 116 -1.65 -1.89 -0.83
CA ARG B 116 -0.87 -3.11 -0.67
C ARG B 116 -1.70 -4.36 -0.88
N GLY B 117 -3.02 -4.22 -1.03
CA GLY B 117 -3.83 -5.33 -1.49
C GLY B 117 -3.47 -5.72 -2.92
N ASN B 118 -3.92 -6.90 -3.33
CA ASN B 118 -3.53 -7.38 -4.64
C ASN B 118 -4.28 -6.66 -5.74
N ILE B 119 -3.58 -6.31 -6.80
N ILE B 119 -3.56 -6.30 -6.80
CA ILE B 119 -4.20 -5.89 -8.06
CA ILE B 119 -4.14 -5.87 -8.07
C ILE B 119 -4.06 -7.05 -9.04
C ILE B 119 -4.04 -7.05 -9.03
N PRO B 120 -5.13 -7.74 -9.35
CA PRO B 120 -5.01 -9.00 -10.11
C PRO B 120 -4.72 -8.82 -11.59
N THR B 121 -3.44 -8.85 -11.94
CA THR B 121 -3.05 -8.78 -13.34
C THR B 121 -1.85 -9.69 -13.56
N PHE B 122 -1.59 -9.99 -14.84
CA PHE B 122 -0.76 -11.13 -15.20
C PHE B 122 0.17 -10.77 -16.34
N ASN B 123 0.45 -11.72 -17.24
CA ASN B 123 1.23 -11.44 -18.44
C ASN B 123 0.24 -11.36 -19.59
N GLY B 124 -0.05 -10.13 -20.02
CA GLY B 124 -1.11 -9.88 -20.96
C GLY B 124 -1.81 -8.56 -20.67
N PRO B 125 -2.80 -8.21 -21.49
CA PRO B 125 -3.60 -7.01 -21.21
C PRO B 125 -4.10 -7.01 -19.78
N PHE B 126 -4.12 -5.83 -19.16
CA PHE B 126 -4.44 -5.69 -17.75
C PHE B 126 -5.66 -6.50 -17.34
N GLY B 127 -5.49 -7.31 -16.29
CA GLY B 127 -6.57 -8.08 -15.71
C GLY B 127 -6.92 -9.37 -16.42
N GLN B 128 -6.23 -9.69 -17.51
CA GLN B 128 -6.57 -10.85 -18.34
C GLN B 128 -5.54 -11.94 -18.12
N LEU B 129 -6.02 -13.14 -17.78
CA LEU B 129 -5.17 -14.33 -17.66
C LEU B 129 -5.61 -15.25 -18.79
N GLU B 130 -4.85 -15.25 -19.89
CA GLU B 130 -5.27 -15.95 -21.10
C GLU B 130 -6.68 -15.52 -21.50
N GLU B 131 -7.61 -16.47 -21.55
CA GLU B 131 -8.98 -16.20 -21.98
C GLU B 131 -9.90 -15.74 -20.87
N GLU B 132 -9.41 -15.68 -19.63
CA GLU B 132 -10.26 -15.36 -18.50
C GLU B 132 -10.03 -13.90 -18.10
N SER B 133 -11.12 -13.14 -18.00
CA SER B 133 -11.06 -11.74 -17.59
C SER B 133 -11.26 -11.73 -16.08
N ILE B 134 -10.18 -11.58 -15.33
CA ILE B 134 -10.29 -11.51 -13.88
C ILE B 134 -10.82 -10.15 -13.44
N VAL B 135 -10.25 -9.08 -13.99
CA VAL B 135 -10.77 -7.72 -13.86
C VAL B 135 -10.73 -7.05 -15.23
N ASN B 136 -11.51 -5.99 -15.37
CA ASN B 136 -11.62 -5.32 -16.65
C ASN B 136 -10.33 -4.59 -17.03
N THR B 137 -10.01 -4.61 -18.32
CA THR B 137 -8.86 -3.86 -18.83
C THR B 137 -9.14 -2.37 -18.83
N VAL B 138 -10.39 -1.97 -19.05
CA VAL B 138 -10.78 -0.57 -19.01
C VAL B 138 -10.98 -0.18 -17.54
N THR B 139 -10.26 0.85 -17.10
CA THR B 139 -10.36 1.33 -15.74
C THR B 139 -11.21 2.60 -15.66
N GLY B 140 -11.58 2.93 -14.44
CA GLY B 140 -12.17 4.22 -14.15
C GLY B 140 -11.45 4.84 -12.96
N ASN B 141 -11.44 6.17 -12.93
CA ASN B 141 -10.73 6.87 -11.86
C ASN B 141 -11.16 8.33 -11.84
N SER B 142 -11.48 8.86 -10.65
CA SER B 142 -11.86 10.26 -10.52
C SER B 142 -10.69 11.17 -10.85
N SER B 143 -11.02 12.36 -11.34
CA SER B 143 -10.06 13.44 -11.42
C SER B 143 -9.95 14.14 -10.07
N LYS B 144 -8.96 15.02 -9.97
CA LYS B 144 -8.88 15.93 -8.82
C LYS B 144 -10.16 16.73 -8.69
N GLU B 145 -10.68 17.21 -9.82
CA GLU B 145 -11.88 18.04 -9.81
C GLU B 145 -13.09 17.25 -9.33
N GLY B 146 -13.24 16.03 -9.82
CA GLY B 146 -14.32 15.18 -9.36
C GLY B 146 -14.22 14.89 -7.87
N ALA B 147 -13.01 14.67 -7.38
CA ALA B 147 -12.82 14.37 -5.96
C ALA B 147 -13.08 15.62 -5.10
N TRP B 148 -12.67 16.79 -5.60
CA TRP B 148 -12.91 18.03 -4.88
C TRP B 148 -14.39 18.20 -4.54
N VAL B 149 -15.26 17.98 -5.53
CA VAL B 149 -16.69 18.18 -5.29
C VAL B 149 -17.30 17.01 -4.55
N ARG B 150 -16.87 15.78 -4.87
CA ARG B 150 -17.33 14.61 -4.13
C ARG B 150 -17.07 14.76 -2.65
N ASP B 151 -15.90 15.31 -2.29
CA ASP B 151 -15.49 15.37 -0.91
C ASP B 151 -15.98 16.64 -0.22
N ARG B 152 -16.64 17.53 -0.97
CA ARG B 152 -17.26 18.73 -0.40
C ARG B 152 -16.23 19.67 0.22
N LEU B 153 -15.05 19.77 -0.40
CA LEU B 153 -14.15 20.87 -0.04
C LEU B 153 -14.84 22.20 -0.32
N GLY B 154 -15.56 22.26 -1.43
CA GLY B 154 -16.31 23.42 -1.85
C GLY B 154 -17.23 23.02 -2.98
N PRO B 155 -18.04 23.95 -3.45
CA PRO B 155 -19.02 23.60 -4.50
C PRO B 155 -18.40 23.39 -5.86
N ALA B 156 -17.21 23.93 -6.11
CA ALA B 156 -16.52 23.77 -7.37
C ALA B 156 -15.03 23.68 -7.09
N PRO B 157 -14.24 23.06 -7.97
CA PRO B 157 -12.79 22.98 -7.75
C PRO B 157 -12.17 24.35 -7.53
N GLY B 158 -11.27 24.44 -6.56
CA GLY B 158 -10.62 25.68 -6.21
C GLY B 158 -11.33 26.49 -5.15
N GLN B 159 -12.61 26.21 -4.90
CA GLN B 159 -13.41 26.93 -3.94
C GLN B 159 -13.54 26.14 -2.65
N PHE B 160 -13.56 26.85 -1.52
CA PHE B 160 -13.78 26.24 -0.22
C PHE B 160 -15.04 26.80 0.42
N PHE B 161 -15.81 25.93 1.06
CA PHE B 161 -16.92 26.42 1.87
C PHE B 161 -16.40 27.33 2.97
N GLU B 162 -17.24 28.29 3.35
CA GLU B 162 -16.86 29.29 4.35
C GLU B 162 -16.36 28.66 5.65
N ASN B 163 -16.97 27.56 6.09
CA ASN B 163 -16.64 27.01 7.41
C ASN B 163 -15.59 25.90 7.37
N SER B 164 -14.89 25.75 6.25
CA SER B 164 -14.23 24.49 5.93
C SER B 164 -13.19 24.06 6.98
N GLN B 165 -13.20 22.76 7.32
CA GLN B 165 -12.18 22.14 8.14
C GLN B 165 -11.10 21.45 7.32
N PHE B 166 -11.12 21.56 6.00
CA PHE B 166 -10.08 20.95 5.20
C PHE B 166 -8.72 21.57 5.54
N PRO B 167 -7.65 20.77 5.57
CA PRO B 167 -6.30 21.34 5.75
C PRO B 167 -5.80 22.06 4.51
N ARG B 168 -6.32 23.26 4.31
CA ARG B 168 -6.05 24.06 3.13
C ARG B 168 -4.55 24.32 2.98
N GLY B 169 -4.07 24.23 1.75
CA GLY B 169 -2.65 24.30 1.44
C GLY B 169 -2.01 22.94 1.22
N TYR B 170 -2.70 21.86 1.59
CA TYR B 170 -2.18 20.51 1.44
C TYR B 170 -2.99 19.72 0.41
N GLU B 171 -3.54 20.43 -0.58
CA GLU B 171 -4.31 19.79 -1.64
C GLU B 171 -3.49 18.73 -2.38
N ASP B 172 -2.22 19.03 -2.67
CA ASP B 172 -1.41 18.05 -3.40
C ASP B 172 -1.29 16.75 -2.61
N ASN B 173 -0.91 16.86 -1.33
CA ASN B 173 -0.79 15.67 -0.48
C ASN B 173 -2.08 14.87 -0.47
N TYR B 174 -3.20 15.57 -0.29
CA TYR B 174 -4.50 14.94 -0.19
C TYR B 174 -4.86 14.19 -1.46
N PHE B 175 -4.85 14.87 -2.61
CA PHE B 175 -5.30 14.19 -3.81
C PHE B 175 -4.34 13.09 -4.24
N LYS B 176 -3.05 13.18 -3.86
CA LYS B 176 -2.10 12.13 -4.20
C LYS B 176 -2.43 10.78 -3.56
N GLU B 177 -3.27 10.76 -2.52
CA GLU B 177 -3.57 9.52 -1.83
C GLU B 177 -4.62 8.68 -2.56
N MET B 178 -5.24 9.22 -3.61
CA MET B 178 -6.39 8.60 -4.24
C MET B 178 -6.00 7.95 -5.55
N GLY B 179 -6.69 6.86 -5.89
CA GLY B 179 -6.45 6.23 -7.17
C GLY B 179 -7.58 5.31 -7.58
N PHE B 180 -7.31 4.54 -8.64
CA PHE B 180 -8.32 3.68 -9.23
C PHE B 180 -8.48 2.38 -8.43
N SER B 181 -9.59 1.71 -8.70
CA SER B 181 -9.81 0.36 -8.18
C SER B 181 -10.18 -0.55 -9.34
N PRO B 182 -9.52 -1.70 -9.49
CA PRO B 182 -9.94 -2.66 -10.51
C PRO B 182 -11.27 -3.28 -10.12
N SER B 183 -11.88 -3.96 -11.09
CA SER B 183 -13.25 -4.44 -10.95
C SER B 183 -13.38 -5.76 -10.18
N ILE B 184 -12.70 -5.86 -9.03
CA ILE B 184 -12.86 -7.04 -8.19
C ILE B 184 -14.28 -7.10 -7.68
N SER B 185 -14.84 -8.32 -7.67
CA SER B 185 -16.21 -8.47 -7.19
C SER B 185 -16.30 -8.06 -5.72
N SER B 186 -17.34 -7.30 -5.39
CA SER B 186 -17.53 -6.90 -3.99
C SER B 186 -17.66 -8.10 -3.08
N ASP B 187 -18.18 -9.23 -3.58
CA ASP B 187 -18.26 -10.44 -2.77
C ASP B 187 -16.88 -10.85 -2.25
N GLU B 188 -15.85 -10.70 -3.08
CA GLU B 188 -14.52 -11.13 -2.67
C GLU B 188 -13.86 -10.15 -1.72
N ILE B 189 -14.23 -8.86 -1.81
CA ILE B 189 -13.75 -7.90 -0.83
C ILE B 189 -14.39 -8.18 0.52
N VAL B 190 -15.72 -8.38 0.53
CA VAL B 190 -16.40 -8.75 1.76
C VAL B 190 -15.79 -10.02 2.34
N ASP B 191 -15.51 -11.02 1.49
CA ASP B 191 -14.97 -12.28 1.98
C ASP B 191 -13.65 -12.09 2.70
N ALA B 192 -12.77 -11.24 2.17
CA ALA B 192 -11.47 -11.04 2.82
C ALA B 192 -11.65 -10.44 4.21
N VAL B 193 -12.58 -9.49 4.36
CA VAL B 193 -12.77 -8.87 5.66
C VAL B 193 -13.46 -9.83 6.64
N VAL B 194 -14.39 -10.66 6.16
CA VAL B 194 -14.96 -11.69 7.02
C VAL B 194 -13.87 -12.59 7.58
N LYS B 195 -12.91 -12.98 6.72
CA LYS B 195 -11.80 -13.82 7.20
C LYS B 195 -10.96 -13.08 8.24
N LEU B 196 -10.70 -11.79 8.02
CA LEU B 196 -9.98 -11.02 9.04
C LEU B 196 -10.73 -10.97 10.36
N VAL B 197 -12.06 -10.77 10.30
CA VAL B 197 -12.85 -10.68 11.52
C VAL B 197 -12.87 -12.02 12.26
N THR B 198 -12.92 -13.12 11.52
CA THR B 198 -12.76 -14.43 12.15
C THR B 198 -11.41 -14.56 12.84
N HIS B 199 -10.36 -14.02 12.23
CA HIS B 199 -9.02 -14.14 12.80
C HIS B 199 -8.88 -13.31 14.07
N ILE B 200 -9.44 -12.10 14.09
CA ILE B 200 -9.16 -11.22 15.22
C ILE B 200 -10.14 -11.37 16.38
N GLY B 201 -11.32 -11.93 16.16
CA GLY B 201 -12.31 -12.05 17.20
C GLY B 201 -13.21 -10.84 17.24
N PRO B 202 -13.98 -10.69 18.32
CA PRO B 202 -14.86 -9.52 18.47
C PRO B 202 -14.13 -8.20 18.21
N CYS B 203 -14.76 -7.35 17.41
CA CYS B 203 -14.11 -6.13 16.94
C CYS B 203 -15.19 -5.14 16.51
N VAL B 204 -14.75 -3.92 16.21
CA VAL B 204 -15.59 -2.86 15.70
C VAL B 204 -15.09 -2.47 14.32
N LEU B 205 -15.98 -2.34 13.35
CA LEU B 205 -15.63 -1.83 12.03
C LEU B 205 -15.84 -0.34 11.98
N VAL B 206 -14.83 0.40 11.54
CA VAL B 206 -14.93 1.83 11.30
C VAL B 206 -14.71 2.03 9.80
N THR B 207 -15.77 2.39 9.08
CA THR B 207 -15.78 2.41 7.63
C THR B 207 -15.93 3.83 7.11
N HIS B 208 -15.88 3.95 5.79
CA HIS B 208 -15.85 5.25 5.14
C HIS B 208 -16.35 5.06 3.71
N SER B 209 -17.37 5.83 3.32
CA SER B 209 -17.73 6.00 1.92
C SER B 209 -17.99 4.63 1.31
N ALA B 210 -17.23 4.19 0.30
CA ALA B 210 -17.50 2.93 -0.37
C ALA B 210 -17.46 1.73 0.58
N SER B 211 -16.68 1.79 1.66
CA SER B 211 -16.66 0.63 2.55
C SER B 211 -17.83 0.59 3.52
N GLY B 212 -18.66 1.62 3.55
CA GLY B 212 -19.89 1.60 4.32
C GLY B 212 -20.74 0.36 4.09
N VAL B 213 -21.30 0.16 2.89
N VAL B 213 -21.21 0.19 2.85
CA VAL B 213 -22.11 -1.05 2.68
CA VAL B 213 -22.08 -0.93 2.53
C VAL B 213 -21.27 -2.29 2.92
C VAL B 213 -21.35 -2.26 2.70
N LEU B 214 -20.04 -2.30 2.41
CA LEU B 214 -19.26 -3.51 2.53
C LEU B 214 -19.15 -3.93 3.99
N GLY B 215 -18.99 -2.96 4.89
CA GLY B 215 -18.96 -3.28 6.31
C GLY B 215 -20.30 -3.77 6.82
N MET B 216 -21.40 -3.19 6.33
CA MET B 216 -22.71 -3.70 6.72
C MET B 216 -22.85 -5.15 6.27
N ARG B 217 -22.39 -5.46 5.06
CA ARG B 217 -22.44 -6.84 4.58
C ARG B 217 -21.59 -7.76 5.43
N VAL B 218 -20.36 -7.33 5.77
CA VAL B 218 -19.50 -8.14 6.64
C VAL B 218 -20.22 -8.47 7.94
N ALA B 219 -20.86 -7.47 8.57
CA ALA B 219 -21.52 -7.71 9.85
C ALA B 219 -22.61 -8.78 9.73
N THR B 220 -23.31 -8.84 8.61
CA THR B 220 -24.34 -9.88 8.46
C THR B 220 -23.75 -11.28 8.28
N HIS B 221 -22.45 -11.39 7.98
CA HIS B 221 -21.79 -12.67 7.83
C HIS B 221 -20.84 -12.99 8.97
N ALA B 222 -20.66 -12.08 9.93
CA ALA B 222 -19.64 -12.25 10.97
C ALA B 222 -20.19 -11.69 12.28
N LYS B 223 -20.59 -12.54 13.19
CA LYS B 223 -21.10 -12.11 14.45
C LYS B 223 -20.03 -11.47 15.32
N ASN B 224 -18.75 -11.64 14.95
CA ASN B 224 -17.71 -10.98 15.72
C ASN B 224 -17.73 -9.46 15.53
N VAL B 225 -18.42 -8.95 14.51
CA VAL B 225 -18.57 -7.50 14.39
C VAL B 225 -19.56 -7.05 15.46
N ARG B 226 -19.07 -6.30 16.45
CA ARG B 226 -19.87 -5.89 17.59
C ARG B 226 -20.35 -4.45 17.49
N GLY B 227 -19.93 -3.73 16.47
CA GLY B 227 -20.37 -2.37 16.25
C GLY B 227 -19.81 -1.87 14.94
N ILE B 228 -20.50 -0.87 14.39
CA ILE B 228 -20.09 -0.20 13.16
C ILE B 228 -20.19 1.31 13.37
N VAL B 229 -19.14 2.03 13.00
CA VAL B 229 -19.22 3.46 12.79
C VAL B 229 -18.82 3.72 11.35
N ALA B 230 -19.72 4.34 10.58
CA ALA B 230 -19.51 4.57 9.15
C ALA B 230 -19.47 6.06 8.86
N TYR B 231 -18.32 6.54 8.40
CA TYR B 231 -18.19 7.94 7.97
C TYR B 231 -18.71 8.09 6.55
N GLU B 232 -19.81 8.82 6.40
CA GLU B 232 -20.42 9.14 5.11
C GLU B 232 -20.46 7.95 4.13
N PRO B 233 -21.18 6.88 4.47
CA PRO B 233 -21.28 5.75 3.56
C PRO B 233 -21.88 6.17 2.23
N ALA B 234 -21.40 5.52 1.17
CA ALA B 234 -21.75 5.92 -0.18
C ALA B 234 -22.97 5.20 -0.75
N THR B 235 -23.23 3.96 -0.33
CA THR B 235 -24.35 3.17 -0.85
C THR B 235 -25.23 2.72 0.31
N SER B 236 -26.52 2.95 0.18
CA SER B 236 -27.49 2.54 1.20
C SER B 236 -27.83 1.05 1.06
N ILE B 237 -28.35 0.48 2.15
CA ILE B 237 -28.67 -0.95 2.20
C ILE B 237 -30.07 -1.15 2.78
N PHE B 238 -30.82 -2.09 2.19
CA PHE B 238 -32.21 -2.33 2.54
C PHE B 238 -32.52 -3.81 2.42
N PRO B 239 -33.58 -4.29 3.09
CA PRO B 239 -34.06 -5.66 2.82
C PRO B 239 -34.56 -5.78 1.39
N LYS B 240 -34.34 -6.95 0.80
CA LYS B 240 -34.71 -7.19 -0.60
C LYS B 240 -36.19 -6.90 -0.82
N GLY B 241 -36.49 -6.15 -1.88
CA GLY B 241 -37.84 -5.79 -2.22
C GLY B 241 -38.46 -4.69 -1.36
N LYS B 242 -37.72 -4.15 -0.40
CA LYS B 242 -38.24 -3.14 0.51
C LYS B 242 -37.45 -1.83 0.43
N VAL B 243 -36.92 -1.51 -0.74
CA VAL B 243 -36.27 -0.22 -0.94
C VAL B 243 -37.36 0.83 -0.99
N PRO B 244 -37.30 1.86 -0.14
CA PRO B 244 -38.33 2.90 -0.18
C PRO B 244 -38.16 3.78 -1.42
N GLU B 245 -39.18 4.61 -1.64
CA GLU B 245 -39.11 5.58 -2.72
C GLU B 245 -37.99 6.56 -2.43
N ILE B 246 -37.09 6.72 -3.40
CA ILE B 246 -35.97 7.62 -3.30
C ILE B 246 -36.01 8.54 -4.52
N PRO B 247 -36.03 9.86 -4.34
CA PRO B 247 -36.22 10.76 -5.49
C PRO B 247 -34.98 10.80 -6.35
N PRO B 248 -35.11 11.14 -7.63
CA PRO B 248 -33.94 11.44 -8.45
C PRO B 248 -33.32 12.75 -7.99
N LEU B 249 -32.15 13.06 -8.58
CA LEU B 249 -31.48 14.30 -8.23
C LEU B 249 -32.17 15.49 -8.88
N ALA B 250 -31.73 16.69 -8.48
CA ALA B 250 -32.38 17.92 -8.94
C ALA B 250 -32.28 18.10 -10.45
N ASP B 251 -31.27 17.51 -11.08
CA ASP B 251 -31.16 17.59 -12.54
C ASP B 251 -32.22 16.77 -13.27
N LYS B 252 -33.10 16.08 -12.54
CA LYS B 252 -34.25 15.33 -13.05
C LYS B 252 -33.86 14.06 -13.79
N LYS B 253 -32.57 13.74 -13.92
CA LYS B 253 -32.16 12.59 -14.70
C LYS B 253 -31.23 11.66 -13.94
N SER B 254 -30.47 12.18 -12.98
CA SER B 254 -29.52 11.37 -12.24
C SER B 254 -30.16 10.74 -11.02
N GLN B 255 -29.54 9.67 -10.53
CA GLN B 255 -29.94 8.98 -9.32
C GLN B 255 -28.72 8.77 -8.45
N ILE B 256 -28.95 8.45 -7.19
CA ILE B 256 -27.86 8.07 -6.29
C ILE B 256 -27.43 6.64 -6.62
N PHE B 257 -26.47 6.11 -5.87
CA PHE B 257 -26.02 4.75 -6.16
C PHE B 257 -27.17 3.78 -5.87
N PRO B 258 -27.46 2.83 -6.76
CA PRO B 258 -28.55 1.88 -6.50
C PRO B 258 -28.37 1.21 -5.15
N PRO B 259 -29.36 1.30 -4.28
CA PRO B 259 -29.22 0.69 -2.95
C PRO B 259 -29.00 -0.81 -3.05
N PHE B 260 -28.18 -1.32 -2.13
CA PHE B 260 -27.91 -2.75 -2.08
C PHE B 260 -29.01 -3.45 -1.29
N GLU B 261 -29.50 -4.56 -1.84
CA GLU B 261 -30.58 -5.32 -1.21
C GLU B 261 -30.07 -6.69 -0.77
N ILE B 262 -30.33 -7.04 0.49
CA ILE B 262 -29.95 -8.34 1.04
C ILE B 262 -31.19 -9.02 1.59
N GLN B 263 -31.11 -10.35 1.68
CA GLN B 263 -32.21 -11.13 2.25
C GLN B 263 -32.52 -10.65 3.65
N GLU B 264 -33.81 -10.68 4.01
CA GLU B 264 -34.26 -10.12 5.29
C GLU B 264 -33.59 -10.81 6.48
N SER B 265 -33.32 -12.11 6.39
CA SER B 265 -32.70 -12.81 7.51
C SER B 265 -31.30 -12.29 7.76
N TYR B 266 -30.60 -11.85 6.71
CA TYR B 266 -29.31 -11.22 6.89
C TYR B 266 -29.45 -9.78 7.37
N PHE B 267 -30.36 -9.01 6.76
CA PHE B 267 -30.58 -7.63 7.19
C PHE B 267 -30.89 -7.56 8.69
N LYS B 268 -31.64 -8.54 9.20
CA LYS B 268 -32.03 -8.52 10.61
C LYS B 268 -30.82 -8.58 11.54
N LYS B 269 -29.70 -9.16 11.10
CA LYS B 269 -28.52 -9.21 11.97
C LYS B 269 -27.97 -7.82 12.24
N LEU B 270 -28.26 -6.84 11.39
CA LEU B 270 -27.82 -5.48 11.64
C LEU B 270 -28.56 -4.86 12.82
N ALA B 271 -29.71 -5.43 13.22
CA ALA B 271 -30.42 -4.90 14.36
C ALA B 271 -29.82 -5.34 15.70
N LYS B 272 -28.79 -6.20 15.69
CA LYS B 272 -28.27 -6.76 16.92
C LYS B 272 -27.07 -5.99 17.47
N ILE B 273 -26.56 -5.01 16.74
CA ILE B 273 -25.33 -4.32 17.15
C ILE B 273 -25.52 -2.81 17.04
N PRO B 274 -24.82 -2.01 17.83
CA PRO B 274 -24.88 -0.56 17.65
C PRO B 274 -24.21 -0.12 16.35
N ILE B 275 -24.92 0.71 15.59
CA ILE B 275 -24.46 1.22 14.31
C ILE B 275 -24.67 2.73 14.31
N GLN B 276 -23.64 3.46 13.91
CA GLN B 276 -23.70 4.92 13.83
C GLN B 276 -23.16 5.33 12.48
N PHE B 277 -23.93 6.12 11.73
CA PHE B 277 -23.46 6.78 10.52
C PHE B 277 -23.14 8.23 10.87
N VAL B 278 -21.99 8.71 10.45
CA VAL B 278 -21.52 10.07 10.77
C VAL B 278 -21.46 10.87 9.48
N PHE B 279 -22.07 12.06 9.49
CA PHE B 279 -22.04 12.94 8.33
C PHE B 279 -21.41 14.28 8.69
N GLY B 280 -20.62 14.81 7.76
CA GLY B 280 -20.02 16.12 7.90
C GLY B 280 -20.96 17.23 7.48
N ASP B 281 -20.39 18.35 7.05
CA ASP B 281 -21.11 19.59 6.84
C ASP B 281 -21.32 19.87 5.36
N ASN B 282 -22.10 20.92 5.09
CA ASN B 282 -22.30 21.45 3.75
C ASN B 282 -23.03 20.49 2.82
N ILE B 283 -23.85 19.62 3.38
CA ILE B 283 -24.83 18.85 2.60
C ILE B 283 -26.10 19.68 2.55
N PRO B 284 -26.58 20.07 1.37
CA PRO B 284 -27.73 20.99 1.30
C PRO B 284 -29.02 20.32 1.77
N LYS B 285 -29.89 21.14 2.37
CA LYS B 285 -31.21 20.63 2.74
C LYS B 285 -32.15 20.56 1.55
N ASN B 286 -32.00 21.46 0.58
CA ASN B 286 -32.89 21.58 -0.57
C ASN B 286 -32.16 21.23 -1.87
N PRO B 287 -32.91 20.90 -2.93
CA PRO B 287 -32.26 20.53 -4.19
C PRO B 287 -31.29 21.60 -4.70
N LYS B 288 -30.16 21.13 -5.26
CA LYS B 288 -29.12 22.01 -5.80
C LYS B 288 -28.78 21.51 -7.20
N SER B 289 -29.52 21.98 -8.21
CA SER B 289 -29.28 21.52 -9.58
C SER B 289 -27.94 21.98 -10.14
N ALA B 290 -27.34 23.03 -9.58
CA ALA B 290 -26.08 23.53 -10.13
C ALA B 290 -24.87 22.75 -9.63
N TYR B 291 -25.02 21.94 -8.59
CA TYR B 291 -23.88 21.29 -7.93
C TYR B 291 -24.23 19.83 -7.74
N TRP B 292 -23.86 19.01 -8.73
CA TRP B 292 -24.33 17.63 -8.81
C TRP B 292 -23.99 16.84 -7.55
N PHE B 293 -22.76 16.93 -7.08
CA PHE B 293 -22.37 16.15 -5.91
C PHE B 293 -22.95 16.60 -4.61
N LEU B 294 -23.20 17.89 -4.49
CA LEU B 294 -23.90 18.37 -3.30
C LEU B 294 -25.30 17.79 -3.26
N ASP B 295 -26.00 17.82 -4.39
CA ASP B 295 -27.34 17.26 -4.46
C ASP B 295 -27.32 15.76 -4.25
N TRP B 296 -26.32 15.08 -4.85
CA TRP B 296 -26.14 13.65 -4.63
C TRP B 296 -26.00 13.32 -3.14
N TRP B 297 -25.22 14.12 -2.41
CA TRP B 297 -25.09 13.87 -0.97
C TRP B 297 -26.40 14.11 -0.22
N ARG B 298 -27.19 15.09 -0.65
CA ARG B 298 -28.48 15.32 -0.01
C ARG B 298 -29.36 14.08 -0.09
N VAL B 299 -29.48 13.51 -1.30
CA VAL B 299 -30.37 12.38 -1.47
C VAL B 299 -29.76 11.11 -0.88
N THR B 300 -28.43 10.96 -0.96
CA THR B 300 -27.78 9.81 -0.36
C THR B 300 -27.95 9.80 1.15
N ARG B 301 -27.76 10.94 1.80
CA ARG B 301 -27.97 11.04 3.24
C ARG B 301 -29.42 10.69 3.59
N TYR B 302 -30.36 11.19 2.79
CA TYR B 302 -31.76 10.85 3.00
C TYR B 302 -31.98 9.34 2.92
N ALA B 303 -31.46 8.70 1.88
CA ALA B 303 -31.60 7.26 1.75
C ALA B 303 -31.03 6.54 2.96
N HIS B 304 -29.88 6.99 3.48
CA HIS B 304 -29.32 6.36 4.67
C HIS B 304 -30.23 6.53 5.89
N SER B 305 -30.87 7.70 6.02
CA SER B 305 -31.80 7.89 7.13
C SER B 305 -32.91 6.85 7.08
N LEU B 306 -33.37 6.51 5.88
CA LEU B 306 -34.42 5.48 5.75
C LEU B 306 -33.88 4.09 6.03
N SER B 307 -32.63 3.82 5.63
CA SER B 307 -32.01 2.54 5.92
C SER B 307 -31.88 2.34 7.43
N LEU B 308 -31.41 3.37 8.14
CA LEU B 308 -31.29 3.28 9.59
C LEU B 308 -32.65 3.09 10.24
N GLU B 309 -33.68 3.77 9.74
CA GLU B 309 -35.02 3.59 10.28
C GLU B 309 -35.49 2.15 10.09
N ALA B 310 -35.17 1.54 8.95
CA ALA B 310 -35.55 0.16 8.72
C ALA B 310 -34.87 -0.77 9.71
N ILE B 311 -33.60 -0.50 10.03
CA ILE B 311 -32.91 -1.29 11.04
C ILE B 311 -33.57 -1.13 12.40
N ASN B 312 -33.93 0.10 12.77
CA ASN B 312 -34.54 0.36 14.07
C ASN B 312 -35.93 -0.26 14.18
N LYS B 313 -36.69 -0.28 13.10
CA LYS B 313 -38.01 -0.90 13.14
C LYS B 313 -37.93 -2.41 13.37
N LEU B 314 -36.78 -3.03 13.09
CA LEU B 314 -36.51 -4.43 13.38
C LEU B 314 -35.84 -4.63 14.74
N GLY B 315 -35.86 -3.62 15.61
CA GLY B 315 -35.29 -3.76 16.93
C GLY B 315 -33.87 -3.26 17.08
N GLY B 316 -33.35 -2.51 16.11
CA GLY B 316 -31.94 -2.19 16.03
C GLY B 316 -31.49 -1.05 16.92
N GLN B 317 -30.20 -0.71 16.79
CA GLN B 317 -29.59 0.33 17.60
C GLN B 317 -28.82 1.26 16.67
N ALA B 318 -29.52 1.82 15.69
CA ALA B 318 -28.91 2.55 14.58
C ALA B 318 -29.16 4.05 14.73
N SER B 319 -28.15 4.86 14.43
CA SER B 319 -28.30 6.29 14.62
C SER B 319 -27.49 7.04 13.58
N LEU B 320 -27.90 8.27 13.33
CA LEU B 320 -27.24 9.18 12.40
C LEU B 320 -26.71 10.36 13.20
N LEU B 321 -25.40 10.58 13.14
CA LEU B 321 -24.75 11.70 13.81
C LEU B 321 -24.35 12.70 12.74
N ASP B 322 -25.04 13.85 12.73
CA ASP B 322 -24.64 14.99 11.92
C ASP B 322 -23.66 15.79 12.75
N LEU B 323 -22.41 15.88 12.29
CA LEU B 323 -21.39 16.60 13.06
C LEU B 323 -21.79 18.03 13.41
N PRO B 324 -22.45 18.80 12.54
CA PRO B 324 -22.88 20.14 12.97
C PRO B 324 -23.80 20.14 14.18
N THR B 325 -24.62 19.14 14.34
CA THR B 325 -25.52 19.04 15.48
C THR B 325 -24.71 18.83 16.77
N ALA B 326 -23.57 18.19 16.65
CA ALA B 326 -22.69 18.00 17.79
C ALA B 326 -21.78 19.20 18.04
N GLY B 327 -21.92 20.28 17.28
CA GLY B 327 -21.13 21.48 17.48
C GLY B 327 -19.90 21.59 16.62
N LEU B 328 -19.75 20.73 15.62
CA LEU B 328 -18.58 20.73 14.75
C LEU B 328 -19.02 21.18 13.37
N ARG B 329 -18.48 22.31 12.92
CA ARG B 329 -18.87 22.92 11.65
C ARG B 329 -17.74 22.76 10.64
N GLY B 330 -18.10 22.53 9.38
CA GLY B 330 -17.16 22.61 8.28
C GLY B 330 -16.50 21.30 7.87
N ASN B 331 -16.92 20.17 8.42
CA ASN B 331 -16.25 18.94 8.05
C ASN B 331 -16.54 18.55 6.61
N THR B 332 -15.54 17.96 5.97
CA THR B 332 -15.62 17.43 4.63
C THR B 332 -16.06 15.97 4.69
N HIS B 333 -15.97 15.29 3.54
CA HIS B 333 -16.25 13.86 3.43
C HIS B 333 -15.21 13.00 4.13
N PHE B 334 -14.09 13.58 4.59
CA PHE B 334 -13.08 12.87 5.39
C PHE B 334 -12.96 13.53 6.76
N PRO B 335 -13.98 13.42 7.63
CA PRO B 335 -13.87 14.13 8.91
C PRO B 335 -12.67 13.71 9.75
N PHE B 336 -12.21 12.47 9.58
CA PHE B 336 -11.10 11.93 10.36
C PHE B 336 -9.73 12.40 9.88
N THR B 337 -9.65 13.15 8.78
CA THR B 337 -8.41 13.85 8.44
C THR B 337 -8.56 15.37 8.42
N ASP B 338 -9.74 15.91 8.74
CA ASP B 338 -9.94 17.35 8.79
C ASP B 338 -9.18 17.97 9.97
N ARG B 339 -9.19 19.31 10.00
CA ARG B 339 -8.42 20.04 11.01
C ARG B 339 -8.92 19.78 12.42
N ASN B 340 -10.21 19.44 12.58
CA ASN B 340 -10.79 19.13 13.88
C ASN B 340 -10.89 17.62 14.11
N ASN B 341 -10.00 16.83 13.49
CA ASN B 341 -10.16 15.38 13.61
C ASN B 341 -9.99 14.87 15.03
N VAL B 342 -9.35 15.63 15.91
CA VAL B 342 -9.28 15.21 17.31
C VAL B 342 -10.67 15.25 17.95
N GLN B 343 -11.45 16.29 17.63
CA GLN B 343 -12.82 16.37 18.14
C GLN B 343 -13.70 15.30 17.52
N VAL B 344 -13.49 14.98 16.23
CA VAL B 344 -14.21 13.88 15.60
C VAL B 344 -13.87 12.57 16.30
N ALA B 345 -12.58 12.36 16.59
CA ALA B 345 -12.17 11.16 17.30
C ALA B 345 -12.83 11.08 18.68
N SER B 346 -12.97 12.21 19.36
CA SER B 346 -13.60 12.21 20.68
C SER B 346 -15.03 11.68 20.61
N LEU B 347 -15.75 12.03 19.54
CA LEU B 347 -17.12 11.52 19.36
C LEU B 347 -17.12 10.02 19.08
N LEU B 348 -16.08 9.51 18.42
CA LEU B 348 -15.98 8.06 18.23
C LEU B 348 -15.69 7.36 19.56
N SER B 349 -14.79 7.94 20.36
CA SER B 349 -14.54 7.41 21.70
C SER B 349 -15.83 7.41 22.53
N ASP B 350 -16.66 8.46 22.38
CA ASP B 350 -17.94 8.52 23.09
C ASP B 350 -18.84 7.35 22.72
N PHE B 351 -18.94 7.06 21.41
CA PHE B 351 -19.77 5.94 20.95
C PHE B 351 -19.24 4.62 21.50
N LEU B 352 -17.94 4.41 21.42
CA LEU B 352 -17.36 3.18 21.97
C LEU B 352 -17.63 3.06 23.46
N GLY B 353 -17.50 4.16 24.20
CA GLY B 353 -17.75 4.11 25.63
C GLY B 353 -19.20 3.86 25.98
N LYS B 354 -20.12 4.45 25.22
CA LYS B 354 -21.55 4.27 25.47
C LYS B 354 -21.95 2.81 25.42
N HIS B 355 -21.31 2.04 24.54
CA HIS B 355 -21.67 0.65 24.32
C HIS B 355 -20.68 -0.32 24.97
N GLY B 356 -19.78 0.18 25.80
CA GLY B 356 -18.85 -0.68 26.50
C GLY B 356 -17.81 -1.30 25.61
N LEU B 357 -17.63 -0.78 24.40
CA LEU B 357 -16.63 -1.31 23.48
C LEU B 357 -15.22 -0.86 23.82
N ASP B 358 -15.05 -0.06 24.88
CA ASP B 358 -13.77 0.36 25.40
C ASP B 358 -13.43 -0.28 26.75
N GLN B 359 -14.12 -1.36 27.11
CA GLN B 359 -13.87 -2.06 28.37
C GLN B 359 -13.65 -3.54 28.12
N ASN B 360 -12.87 -4.16 29.00
CA ASN B 360 -12.65 -5.60 28.94
C ASN B 360 -13.68 -6.34 29.79
C1 GOL C . 4.32 -13.13 -7.93
O1 GOL C . 4.68 -11.86 -8.47
C2 GOL C . 2.78 -13.10 -7.71
O2 GOL C . 2.11 -12.95 -8.93
C3 GOL C . 2.43 -14.46 -7.02
O3 GOL C . 1.05 -14.45 -6.77
C1 GOL D . 9.44 13.14 9.57
O1 GOL D . 8.92 14.22 10.30
C2 GOL D . 9.16 13.40 8.07
O2 GOL D . 10.28 13.30 7.30
C3 GOL D . 8.55 14.82 7.99
O3 GOL D . 7.26 14.67 7.46
C1 CIT E . 11.39 -8.07 -13.10
O1 CIT E . 11.96 -8.27 -14.19
O2 CIT E . 10.26 -7.50 -13.14
C2 CIT E . 12.03 -8.54 -11.81
C3 CIT E . 11.39 -7.99 -10.54
O7 CIT E . 11.42 -6.55 -10.50
C4 CIT E . 12.11 -8.57 -9.32
C5 CIT E . 13.29 -7.72 -8.92
O3 CIT E . 14.18 -7.40 -9.73
O4 CIT E . 13.38 -7.31 -7.74
C6 CIT E . 9.93 -8.40 -10.45
O5 CIT E . 9.60 -9.60 -10.56
O6 CIT E . 9.04 -7.52 -10.30
C1 GOL F . -8.46 10.94 -7.75
O1 GOL F . -8.92 9.60 -7.75
C2 GOL F . -7.03 10.90 -8.37
O2 GOL F . -7.04 10.37 -9.67
C3 GOL F . -6.52 12.38 -8.36
O3 GOL F . -5.18 12.37 -8.81
C1 GOL G . 4.08 18.46 -9.10
O1 GOL G . 3.60 18.22 -10.40
C2 GOL G . 3.00 17.97 -8.12
O2 GOL G . 3.51 17.80 -6.83
C3 GOL G . 1.85 19.03 -8.19
O3 GOL G . 2.27 20.24 -7.56
C1 GOL H . -29.67 24.38 1.81
O1 GOL H . -30.32 23.80 0.68
C2 GOL H . -30.05 25.87 1.71
O2 GOL H . -29.59 26.39 0.47
C3 GOL H . -31.54 26.22 1.86
O3 GOL H . -32.27 26.46 0.63
C1 CIT I . -16.38 6.08 -2.77
O1 CIT I . -17.52 5.61 -2.96
O2 CIT I . -15.87 6.00 -1.64
C2 CIT I . -15.60 6.74 -3.89
C3 CIT I . -15.56 5.84 -5.14
O7 CIT I . -15.59 4.44 -4.76
C4 CIT I . -16.72 6.24 -6.06
C5 CIT I . -16.92 5.31 -7.23
O3 CIT I . -18.07 5.16 -7.71
O4 CIT I . -15.97 4.69 -7.76
C6 CIT I . -14.25 6.12 -5.86
O5 CIT I . -13.45 5.17 -6.12
O6 CIT I . -13.93 7.29 -6.16
#